data_3I0Z
#
_entry.id   3I0Z
#
_cell.length_a   57.635
_cell.length_b   111.267
_cell.length_c   126.600
_cell.angle_alpha   90.000
_cell.angle_beta   97.090
_cell.angle_gamma   90.000
#
_symmetry.space_group_name_H-M   'C 1 2 1'
#
loop_
_entity.id
_entity.type
_entity.pdbx_description
1 polymer 'putative tagatose-6-phosphate ketose/aldose isomerase'
2 non-polymer 'CHLORIDE ION'
3 non-polymer 'PHOSPHATE ION'
4 non-polymer 1,2-ETHANEDIOL
5 water water
#
_entity_poly.entity_id   1
_entity_poly.type   'polypeptide(L)'
_entity_poly.pdbx_seq_one_letter_code
;G(MSE)LHYTKEDLLELGAEITTREIYQQPDVWREAFEFYQAKREEIAAFLQEIADKHDYIKVILTGAGTSAYVGDTLLP
YFKEVYDERKWNFNAIATTDIVANPATYLKKDVATVLVSFARSGNSPESLATVDLAKSLVDELYQVTITCAADGKLALQA
HGDDRNLLLLQPAVSNDAGFA(MSE)TSSFTS(MSE)(MSE)LTTLLVFDPTEFAVKSERFEVVSSLARKVLDKAEDVKE
LVDLDFNRVIYLGAGPFFGLAHEAQLKILELTAGQVAT(MSE)YESPVGFRHGPKSLINDNTVVLVFGTTTDYTRKYDLD
LVREVAGDQIARRVVLLSDQAFGLENVKEVALGCGGVLNDIYRVFPYIVYAQLFALLTSLKVENKPDTPSPTGTVNRVVQ
GVIIHEYQK
;
_entity_poly.pdbx_strand_id   A,B
#
loop_
_chem_comp.id
_chem_comp.type
_chem_comp.name
_chem_comp.formula
CL non-polymer 'CHLORIDE ION' 'Cl -1'
EDO non-polymer 1,2-ETHANEDIOL 'C2 H6 O2'
PO4 non-polymer 'PHOSPHATE ION' 'O4 P -3'
#
# COMPACT_ATOMS: atom_id res chain seq x y z
N GLY A 1 -8.39 -31.58 16.60
CA GLY A 1 -9.08 -31.27 15.32
C GLY A 1 -9.61 -29.86 15.29
N MSE A 2 -9.88 -29.35 14.10
CA MSE A 2 -10.60 -28.09 13.97
C MSE A 2 -12.09 -28.38 13.92
O MSE A 2 -12.56 -29.21 13.11
CB MSE A 2 -10.13 -27.34 12.71
CG MSE A 2 -10.87 -26.05 12.46
SE MSE A 2 -10.17 -25.17 10.88
CE MSE A 2 -10.93 -26.33 9.52
N LEU A 3 -12.84 -27.73 14.82
CA LEU A 3 -14.27 -27.93 14.89
C LEU A 3 -14.62 -29.44 14.95
N HIS A 4 -15.67 -29.84 14.25
CA HIS A 4 -16.11 -31.25 14.20
C HIS A 4 -15.23 -32.12 13.29
N TYR A 5 -14.59 -31.48 12.32
CA TYR A 5 -13.92 -32.15 11.22
C TYR A 5 -12.94 -33.27 11.56
N THR A 6 -13.09 -34.41 10.87
CA THR A 6 -12.07 -35.45 10.90
C THR A 6 -11.04 -35.15 9.80
N LYS A 7 -9.92 -35.86 9.83
CA LYS A 7 -8.92 -35.70 8.79
C LYS A 7 -9.52 -36.13 7.46
N GLU A 8 -10.38 -37.15 7.49
CA GLU A 8 -11.05 -37.61 6.28
C GLU A 8 -12.07 -36.56 5.82
N ASP A 9 -12.73 -35.89 6.75
CA ASP A 9 -13.63 -34.78 6.38
C ASP A 9 -12.83 -33.75 5.61
N LEU A 10 -11.72 -33.34 6.18
CA LEU A 10 -10.90 -32.29 5.55
C LEU A 10 -10.34 -32.69 4.20
N LEU A 11 -9.93 -33.95 4.09
CA LEU A 11 -9.50 -34.46 2.80
C LEU A 11 -10.60 -34.34 1.78
N GLU A 12 -11.81 -34.70 2.17
CA GLU A 12 -12.94 -34.68 1.26
C GLU A 12 -13.24 -33.27 0.80
N LEU A 13 -13.00 -32.32 1.70
CA LEU A 13 -13.26 -30.89 1.46
C LEU A 13 -12.10 -30.10 0.78
N GLY A 14 -10.99 -30.79 0.54
CA GLY A 14 -9.84 -30.16 -0.08
C GLY A 14 -9.16 -29.17 0.85
N ALA A 15 -9.18 -29.46 2.16
CA ALA A 15 -8.67 -28.51 3.21
C ALA A 15 -7.64 -29.12 4.16
N GLU A 16 -7.23 -30.36 3.94
CA GLU A 16 -6.41 -31.04 4.94
C GLU A 16 -5.07 -30.39 5.05
N ILE A 17 -4.54 -29.99 3.91
CA ILE A 17 -3.18 -29.45 3.92
C ILE A 17 -3.09 -28.09 4.61
N THR A 18 -3.95 -27.16 4.19
CA THR A 18 -3.96 -25.82 4.74
C THR A 18 -4.27 -25.81 6.25
N THR A 19 -5.24 -26.62 6.64
CA THR A 19 -5.62 -26.77 8.06
C THR A 19 -4.38 -27.23 8.83
N ARG A 20 -3.76 -28.30 8.38
CA ARG A 20 -2.54 -28.75 9.01
C ARG A 20 -1.48 -27.68 9.11
N GLU A 21 -1.24 -26.94 8.02
CA GLU A 21 -0.13 -25.95 8.01
C GLU A 21 -0.39 -24.75 8.92
N ILE A 22 -1.66 -24.38 9.10
CA ILE A 22 -2.03 -23.35 10.08
C ILE A 22 -1.80 -23.87 11.50
N TYR A 23 -2.27 -25.07 11.77
CA TYR A 23 -2.21 -25.63 13.10
C TYR A 23 -0.78 -26.01 13.56
N GLN A 24 0.13 -26.25 12.61
CA GLN A 24 1.53 -26.56 12.94
C GLN A 24 2.33 -25.35 13.36
N GLN A 25 1.73 -24.16 13.27
CA GLN A 25 2.53 -22.96 13.42
C GLN A 25 3.30 -22.90 14.74
N PRO A 26 2.63 -23.05 15.89
CA PRO A 26 3.38 -22.99 17.14
C PRO A 26 4.59 -23.91 17.20
N ASP A 27 4.48 -25.10 16.63
CA ASP A 27 5.59 -26.08 16.63
C ASP A 27 6.70 -25.61 15.68
N VAL A 28 6.31 -25.18 14.47
CA VAL A 28 7.26 -24.62 13.52
C VAL A 28 8.01 -23.43 14.11
N TRP A 29 7.29 -22.53 14.76
CA TRP A 29 7.92 -21.37 15.35
C TRP A 29 8.97 -21.71 16.42
N ARG A 30 8.73 -22.72 17.22
CA ARG A 30 9.67 -23.14 18.24
C ARG A 30 10.92 -23.67 17.56
N GLU A 31 10.77 -24.41 16.45
CA GLU A 31 11.93 -24.88 15.73
C GLU A 31 12.70 -23.72 15.14
N ALA A 32 11.97 -22.74 14.62
CA ALA A 32 12.59 -21.52 14.04
C ALA A 32 13.32 -20.75 15.12
N PHE A 33 12.71 -20.68 16.29
CA PHE A 33 13.31 -19.94 17.41
C PHE A 33 14.59 -20.63 17.90
N GLU A 34 14.56 -21.97 17.98
CA GLU A 34 15.73 -22.71 18.43
C GLU A 34 16.89 -22.58 17.46
N PHE A 35 16.59 -22.53 16.17
CA PHE A 35 17.60 -22.32 15.14
C PHE A 35 18.24 -20.94 15.30
N TYR A 36 17.39 -19.93 15.48
CA TYR A 36 17.87 -18.59 15.73
C TYR A 36 18.75 -18.58 16.97
N GLN A 37 18.26 -19.21 18.03
CA GLN A 37 19.03 -19.28 19.26
C GLN A 37 20.43 -19.83 18.98
N ALA A 38 20.51 -20.93 18.23
CA ALA A 38 21.79 -21.56 17.89
C ALA A 38 22.71 -20.65 17.06
N LYS A 39 22.13 -19.88 16.15
CA LYS A 39 22.89 -19.10 15.21
C LYS A 39 23.03 -17.63 15.62
N ARG A 40 22.47 -17.24 16.76
CA ARG A 40 22.40 -15.81 17.04
C ARG A 40 23.77 -15.13 17.10
N GLU A 41 24.82 -15.82 17.57
CA GLU A 41 26.12 -15.13 17.67
C GLU A 41 26.71 -14.86 16.30
N GLU A 42 26.54 -15.84 15.42
CA GLU A 42 26.97 -15.75 14.06
C GLU A 42 26.20 -14.65 13.36
N ILE A 43 24.89 -14.61 13.58
CA ILE A 43 24.03 -13.62 12.95
C ILE A 43 24.47 -12.20 13.41
N ALA A 44 24.68 -12.03 14.71
CA ALA A 44 25.04 -10.72 15.22
C ALA A 44 26.40 -10.27 14.63
N ALA A 45 27.32 -11.22 14.53
CA ALA A 45 28.65 -10.95 14.03
C ALA A 45 28.59 -10.54 12.55
N PHE A 46 27.73 -11.19 11.79
CA PHE A 46 27.52 -10.86 10.39
C PHE A 46 27.09 -9.39 10.26
N LEU A 47 26.09 -8.99 11.03
CA LEU A 47 25.57 -7.64 10.95
C LEU A 47 26.57 -6.62 11.53
N GLN A 48 27.32 -7.03 12.53
CA GLN A 48 28.27 -6.10 13.16
C GLN A 48 29.41 -5.75 12.20
N GLU A 49 29.84 -6.71 11.40
CA GLU A 49 30.92 -6.45 10.42
C GLU A 49 30.48 -5.41 9.42
N ILE A 50 29.21 -5.49 9.03
CA ILE A 50 28.61 -4.56 8.06
C ILE A 50 28.58 -3.18 8.67
N ALA A 51 28.16 -3.07 9.93
CA ALA A 51 28.13 -1.81 10.65
C ALA A 51 29.57 -1.30 10.86
N ASP A 52 30.53 -2.20 11.04
CA ASP A 52 31.89 -1.72 11.22
C ASP A 52 32.48 -1.16 9.93
N LYS A 53 31.96 -1.52 8.76
CA LYS A 53 32.55 -1.04 7.51
C LYS A 53 31.87 0.16 6.89
N HIS A 54 30.58 0.35 7.15
CA HIS A 54 29.78 1.32 6.39
C HIS A 54 29.04 2.28 7.28
N ASP A 55 29.12 3.57 6.98
CA ASP A 55 28.42 4.59 7.76
C ASP A 55 26.92 4.68 7.51
N TYR A 56 26.50 4.32 6.31
CA TYR A 56 25.09 4.30 5.94
C TYR A 56 24.80 2.98 5.26
N ILE A 57 23.81 2.27 5.77
CA ILE A 57 23.47 0.92 5.29
C ILE A 57 21.99 0.89 4.91
N LYS A 58 21.67 0.53 3.65
CA LYS A 58 20.30 0.42 3.21
C LYS A 58 19.87 -1.02 3.33
N VAL A 59 18.85 -1.29 4.16
CA VAL A 59 18.30 -2.61 4.30
C VAL A 59 17.03 -2.65 3.49
N ILE A 60 16.99 -3.62 2.60
CA ILE A 60 15.87 -3.86 1.75
C ILE A 60 15.26 -5.21 2.06
N LEU A 61 14.05 -5.15 2.59
CA LEU A 61 13.25 -6.32 2.89
C LEU A 61 12.33 -6.63 1.66
N THR A 62 12.59 -7.73 0.97
CA THR A 62 12.03 -7.96 -0.35
C THR A 62 11.43 -9.35 -0.55
N GLY A 63 10.18 -9.38 -1.04
CA GLY A 63 9.51 -10.61 -1.40
C GLY A 63 8.33 -10.24 -2.30
N ALA A 64 7.59 -11.27 -2.75
CA ALA A 64 6.42 -11.08 -3.63
C ALA A 64 5.18 -11.63 -2.93
N GLY A 65 4.06 -10.91 -3.06
CA GLY A 65 2.76 -11.37 -2.50
C GLY A 65 2.88 -11.41 -1.00
N THR A 66 2.44 -12.49 -0.41
CA THR A 66 2.52 -12.63 1.04
C THR A 66 3.96 -12.46 1.54
N SER A 67 4.96 -12.87 0.77
CA SER A 67 6.33 -12.66 1.19
C SER A 67 6.73 -11.21 1.25
N ALA A 68 6.10 -10.37 0.42
CA ALA A 68 6.31 -8.90 0.52
C ALA A 68 5.82 -8.34 1.83
N TYR A 69 4.76 -8.94 2.37
CA TYR A 69 4.10 -8.44 3.58
C TYR A 69 4.89 -8.76 4.85
N VAL A 70 5.86 -9.68 4.80
CA VAL A 70 6.78 -9.86 5.94
C VAL A 70 7.45 -8.51 6.22
N GLY A 71 8.02 -7.93 5.19
CA GLY A 71 8.73 -6.67 5.32
C GLY A 71 7.78 -5.53 5.60
N ASP A 72 6.64 -5.50 4.93
CA ASP A 72 5.67 -4.40 5.15
C ASP A 72 5.20 -4.35 6.62
N THR A 73 5.01 -5.53 7.20
CA THR A 73 4.51 -5.65 8.56
C THR A 73 5.56 -5.23 9.55
N LEU A 74 6.79 -5.75 9.42
CA LEU A 74 7.84 -5.45 10.41
C LEU A 74 8.43 -4.06 10.25
N LEU A 75 8.33 -3.48 9.06
CA LEU A 75 9.08 -2.22 8.79
C LEU A 75 8.88 -1.09 9.78
N PRO A 76 7.61 -0.74 10.12
CA PRO A 76 7.40 0.38 11.05
C PRO A 76 8.06 0.17 12.39
N TYR A 77 8.15 -1.07 12.88
CA TYR A 77 8.89 -1.35 14.12
C TYR A 77 10.37 -1.06 13.95
N PHE A 78 10.96 -1.62 12.88
CA PHE A 78 12.40 -1.36 12.65
C PHE A 78 12.62 0.14 12.47
N LYS A 79 11.73 0.82 11.76
CA LYS A 79 11.93 2.27 11.60
C LYS A 79 11.92 3.03 12.90
N GLU A 80 11.11 2.60 13.83
N GLU A 80 11.09 2.55 13.82
CA GLU A 80 11.02 3.30 15.11
CA GLU A 80 10.88 3.18 15.14
C GLU A 80 12.29 3.10 15.89
C GLU A 80 12.07 2.99 16.06
N VAL A 81 12.80 1.87 15.91
CA VAL A 81 13.89 1.52 16.81
C VAL A 81 15.31 1.73 16.28
N TYR A 82 15.46 1.95 14.99
CA TYR A 82 16.75 2.21 14.39
C TYR A 82 16.93 3.64 14.00
N ASP A 83 18.18 4.10 13.96
CA ASP A 83 18.56 5.42 13.46
C ASP A 83 18.78 5.31 11.96
N GLU A 84 17.91 5.99 11.23
CA GLU A 84 17.83 5.86 9.77
C GLU A 84 19.09 6.37 9.06
N ARG A 85 19.92 7.09 9.78
CA ARG A 85 21.18 7.60 9.24
C ARG A 85 22.24 6.51 9.25
N LYS A 86 22.01 5.45 10.02
CA LYS A 86 22.93 4.33 10.05
C LYS A 86 22.37 3.11 9.38
N TRP A 87 21.23 2.64 9.87
CA TRP A 87 20.51 1.50 9.30
C TRP A 87 19.21 2.03 8.73
N ASN A 88 19.15 2.15 7.42
CA ASN A 88 17.97 2.68 6.75
C ASN A 88 17.10 1.54 6.19
N PHE A 89 16.00 1.24 6.88
CA PHE A 89 15.16 0.10 6.59
C PHE A 89 14.08 0.44 5.55
N ASN A 90 13.88 -0.50 4.63
CA ASN A 90 12.93 -0.36 3.54
C ASN A 90 12.30 -1.70 3.27
N ALA A 91 11.03 -1.70 2.88
CA ALA A 91 10.33 -2.92 2.41
C ALA A 91 9.97 -2.59 0.97
N ILE A 92 10.62 -3.30 0.04
CA ILE A 92 10.43 -3.06 -1.39
C ILE A 92 10.23 -4.40 -2.03
N ALA A 93 9.06 -4.61 -2.60
CA ALA A 93 8.72 -5.92 -3.14
C ALA A 93 9.62 -6.34 -4.29
N THR A 94 9.86 -7.64 -4.44
CA THR A 94 10.66 -8.12 -5.56
C THR A 94 9.96 -7.73 -6.88
N THR A 95 8.64 -7.65 -6.86
CA THR A 95 7.80 -7.24 -8.00
C THR A 95 7.88 -5.78 -8.37
N ASP A 96 8.41 -4.97 -7.45
CA ASP A 96 8.76 -3.57 -7.68
C ASP A 96 10.19 -3.45 -8.17
N ILE A 97 11.11 -4.17 -7.53
CA ILE A 97 12.52 -4.08 -7.94
C ILE A 97 12.71 -4.54 -9.36
N VAL A 98 12.06 -5.65 -9.72
CA VAL A 98 12.29 -6.22 -11.07
C VAL A 98 11.81 -5.28 -12.16
N ALA A 99 10.79 -4.49 -11.88
CA ALA A 99 10.20 -3.62 -12.89
C ALA A 99 10.91 -2.30 -12.99
N ASN A 100 11.46 -1.84 -11.87
CA ASN A 100 12.11 -0.51 -11.78
C ASN A 100 13.34 -0.56 -10.92
N PRO A 101 14.35 -1.36 -11.34
CA PRO A 101 15.55 -1.57 -10.51
C PRO A 101 16.31 -0.33 -10.15
N ALA A 102 16.35 0.64 -11.05
CA ALA A 102 17.15 1.86 -10.84
C ALA A 102 16.57 2.79 -9.78
N THR A 103 15.29 2.62 -9.43
CA THR A 103 14.66 3.37 -8.36
C THR A 103 15.28 3.03 -7.02
N TYR A 104 15.70 1.78 -6.87
CA TYR A 104 15.96 1.21 -5.51
C TYR A 104 17.38 0.74 -5.33
N LEU A 105 17.99 0.31 -6.43
CA LEU A 105 19.28 -0.30 -6.39
C LEU A 105 20.33 0.71 -6.87
N LYS A 106 21.16 1.18 -5.94
CA LYS A 106 22.03 2.30 -6.21
C LYS A 106 23.49 1.89 -6.04
N LYS A 107 24.33 2.22 -7.02
CA LYS A 107 25.69 1.72 -7.06
C LYS A 107 26.47 1.98 -5.80
N ASP A 108 26.34 3.21 -5.28
CA ASP A 108 27.22 3.68 -4.24
C ASP A 108 26.69 3.56 -2.82
N VAL A 109 25.54 2.91 -2.65
CA VAL A 109 24.92 2.73 -1.34
C VAL A 109 25.15 1.28 -0.89
N ALA A 110 25.77 1.14 0.28
CA ALA A 110 26.03 -0.17 0.91
C ALA A 110 24.61 -0.72 1.21
N THR A 111 24.35 -1.94 0.76
CA THR A 111 23.00 -2.47 0.81
C THR A 111 22.98 -3.87 1.39
N VAL A 112 21.98 -4.15 2.24
CA VAL A 112 21.76 -5.48 2.73
C VAL A 112 20.41 -5.91 2.17
N LEU A 113 20.45 -6.87 1.24
CA LEU A 113 19.23 -7.34 0.61
C LEU A 113 18.75 -8.57 1.32
N VAL A 114 17.56 -8.43 1.92
CA VAL A 114 16.98 -9.49 2.78
C VAL A 114 15.83 -10.12 1.97
N SER A 115 16.10 -11.29 1.37
CA SER A 115 15.14 -11.91 0.43
C SER A 115 14.27 -12.94 1.15
N PHE A 116 12.96 -12.87 0.90
CA PHE A 116 11.96 -13.79 1.44
C PHE A 116 11.33 -14.63 0.36
N ALA A 117 11.19 -15.92 0.60
CA ALA A 117 10.43 -16.76 -0.30
C ALA A 117 10.02 -18.10 0.34
N ARG A 118 8.75 -18.48 0.15
CA ARG A 118 8.25 -19.79 0.57
C ARG A 118 8.87 -20.90 -0.30
N SER A 119 8.65 -20.79 -1.62
CA SER A 119 9.08 -21.85 -2.57
C SER A 119 10.47 -21.61 -3.13
N GLY A 120 10.85 -20.34 -3.14
CA GLY A 120 12.10 -19.92 -3.74
C GLY A 120 12.11 -19.93 -5.28
N ASN A 121 10.93 -20.18 -5.89
CA ASN A 121 10.83 -20.38 -7.33
C ASN A 121 10.10 -19.28 -8.08
N SER A 122 9.80 -18.17 -7.41
CA SER A 122 9.37 -16.97 -8.13
C SER A 122 10.51 -16.38 -8.94
N PRO A 123 10.34 -16.22 -10.28
CA PRO A 123 11.42 -15.65 -11.05
C PRO A 123 11.88 -14.28 -10.52
N GLU A 124 10.98 -13.50 -9.93
CA GLU A 124 11.34 -12.17 -9.46
C GLU A 124 12.33 -12.27 -8.30
N SER A 125 12.31 -13.37 -7.57
CA SER A 125 13.29 -13.54 -6.46
C SER A 125 14.74 -13.52 -6.99
N LEU A 126 15.02 -14.35 -7.98
CA LEU A 126 16.33 -14.48 -8.52
C LEU A 126 16.70 -13.25 -9.33
N ALA A 127 15.72 -12.66 -10.03
CA ALA A 127 15.97 -11.45 -10.81
C ALA A 127 16.36 -10.29 -9.92
N THR A 128 15.71 -10.18 -8.78
CA THR A 128 16.02 -9.16 -7.78
C THR A 128 17.42 -9.31 -7.26
N VAL A 129 17.81 -10.56 -6.93
CA VAL A 129 19.21 -10.79 -6.49
C VAL A 129 20.19 -10.45 -7.59
N ASP A 130 19.90 -10.88 -8.82
CA ASP A 130 20.82 -10.65 -9.92
C ASP A 130 20.98 -9.15 -10.22
N LEU A 131 19.89 -8.41 -10.14
CA LEU A 131 19.92 -6.99 -10.41
C LEU A 131 20.73 -6.30 -9.34
N ALA A 132 20.52 -6.71 -8.09
CA ALA A 132 21.33 -6.16 -6.98
C ALA A 132 22.80 -6.42 -7.16
N LYS A 133 23.18 -7.66 -7.50
CA LYS A 133 24.60 -7.95 -7.72
C LYS A 133 25.21 -7.14 -8.85
N SER A 134 24.44 -6.89 -9.91
N SER A 134 24.44 -6.94 -9.93
N SER A 134 24.45 -6.91 -9.93
CA SER A 134 24.93 -6.17 -11.08
CA SER A 134 24.90 -6.15 -11.06
CA SER A 134 24.95 -6.16 -11.07
C SER A 134 24.97 -4.64 -10.90
C SER A 134 25.13 -4.69 -10.70
C SER A 134 25.05 -4.64 -10.82
N LEU A 135 24.18 -4.12 -9.97
CA LEU A 135 24.09 -2.67 -9.77
C LEU A 135 24.77 -2.08 -8.52
N VAL A 136 24.89 -2.86 -7.45
CA VAL A 136 25.33 -2.35 -6.16
C VAL A 136 26.75 -2.77 -5.85
N ASP A 137 27.60 -1.80 -5.59
CA ASP A 137 29.05 -2.04 -5.38
C ASP A 137 29.32 -2.92 -4.14
N GLU A 138 28.66 -2.54 -3.04
CA GLU A 138 28.83 -3.18 -1.72
C GLU A 138 27.48 -3.76 -1.32
N LEU A 139 27.36 -5.05 -1.53
CA LEU A 139 26.09 -5.76 -1.33
C LEU A 139 26.33 -6.88 -0.33
N TYR A 140 25.35 -7.08 0.57
CA TYR A 140 25.31 -8.23 1.45
C TYR A 140 23.89 -8.75 1.31
N GLN A 141 23.69 -10.03 1.67
CA GLN A 141 22.39 -10.63 1.58
C GLN A 141 22.04 -11.42 2.84
N VAL A 142 20.76 -11.46 3.18
CA VAL A 142 20.25 -12.39 4.17
C VAL A 142 19.12 -13.10 3.48
N THR A 143 19.27 -14.41 3.29
CA THR A 143 18.27 -15.19 2.54
C THR A 143 17.42 -15.98 3.52
N ILE A 144 16.16 -15.60 3.65
CA ILE A 144 15.19 -16.24 4.59
C ILE A 144 14.11 -16.93 3.75
N THR A 145 14.20 -18.24 3.65
CA THR A 145 13.37 -18.98 2.72
C THR A 145 13.03 -20.35 3.30
N CYS A 146 11.93 -20.93 2.84
CA CYS A 146 11.40 -22.13 3.42
C CYS A 146 11.77 -23.41 2.65
N ALA A 147 12.19 -23.24 1.40
CA ALA A 147 12.48 -24.38 0.51
C ALA A 147 13.98 -24.50 0.28
N ALA A 148 14.60 -25.50 0.92
CA ALA A 148 16.02 -25.77 0.72
C ALA A 148 16.39 -26.06 -0.72
N ASP A 149 15.46 -26.66 -1.48
CA ASP A 149 15.71 -26.94 -2.90
C ASP A 149 15.01 -25.97 -3.85
N GLY A 150 14.52 -24.87 -3.32
CA GLY A 150 14.10 -23.73 -4.15
C GLY A 150 15.30 -23.05 -4.80
N LYS A 151 15.08 -22.42 -5.95
CA LYS A 151 16.18 -21.80 -6.67
C LYS A 151 16.89 -20.73 -5.83
N LEU A 152 16.11 -19.90 -5.11
CA LEU A 152 16.72 -18.89 -4.22
C LEU A 152 17.74 -19.51 -3.24
N ALA A 153 17.32 -20.51 -2.45
CA ALA A 153 18.19 -21.16 -1.47
C ALA A 153 19.43 -21.73 -2.19
N LEU A 154 19.21 -22.36 -3.34
CA LEU A 154 20.29 -23.14 -3.98
C LEU A 154 21.37 -22.25 -4.52
N GLN A 155 21.05 -20.99 -4.84
CA GLN A 155 22.11 -20.06 -5.26
C GLN A 155 22.72 -19.22 -4.13
N ALA A 156 22.42 -19.59 -2.89
CA ALA A 156 22.83 -18.81 -1.72
C ALA A 156 23.92 -19.44 -0.88
N HIS A 157 24.63 -20.41 -1.43
CA HIS A 157 25.65 -21.13 -0.67
C HIS A 157 27.03 -20.64 -1.05
N GLY A 158 27.97 -20.84 -0.14
CA GLY A 158 29.39 -20.57 -0.35
C GLY A 158 29.76 -19.12 -0.56
N ASP A 159 28.93 -18.20 -0.05
CA ASP A 159 29.14 -16.76 -0.17
C ASP A 159 29.17 -16.14 1.23
N ASP A 160 30.38 -15.69 1.60
N ASP A 160 30.35 -15.70 1.67
CA ASP A 160 30.66 -15.00 2.88
CA ASP A 160 30.47 -15.15 3.02
C ASP A 160 29.71 -13.87 3.18
C ASP A 160 29.74 -13.82 3.20
N ARG A 161 29.17 -13.27 2.11
CA ARG A 161 28.32 -12.10 2.24
C ARG A 161 26.82 -12.44 2.16
N ASN A 162 26.51 -13.73 2.07
CA ASN A 162 25.13 -14.17 2.03
C ASN A 162 24.87 -15.12 3.19
N LEU A 163 24.03 -14.68 4.10
CA LEU A 163 23.68 -15.38 5.34
C LEU A 163 22.39 -16.12 5.08
N LEU A 164 22.49 -17.44 4.91
CA LEU A 164 21.32 -18.25 4.53
C LEU A 164 20.63 -18.73 5.78
N LEU A 165 19.34 -18.37 5.95
CA LEU A 165 18.55 -18.78 7.11
C LEU A 165 17.31 -19.53 6.69
N LEU A 166 17.52 -20.83 6.48
CA LEU A 166 16.48 -21.72 6.06
C LEU A 166 15.49 -21.87 7.21
N GLN A 167 14.21 -21.91 6.88
CA GLN A 167 13.16 -22.17 7.83
C GLN A 167 12.88 -23.67 7.90
N PRO A 168 12.16 -24.14 8.94
CA PRO A 168 11.89 -25.57 9.06
C PRO A 168 11.24 -26.14 7.79
N ALA A 169 11.66 -27.33 7.37
CA ALA A 169 11.21 -27.89 6.11
C ALA A 169 9.68 -27.93 5.95
N VAL A 170 8.97 -28.26 7.02
CA VAL A 170 7.51 -28.34 6.94
C VAL A 170 6.84 -27.00 6.72
N SER A 171 7.59 -25.90 6.92
CA SER A 171 7.06 -24.56 6.61
C SER A 171 7.07 -24.22 5.13
N ASN A 172 7.69 -25.07 4.31
CA ASN A 172 7.52 -24.95 2.88
C ASN A 172 6.12 -25.38 2.48
N ASP A 173 5.15 -24.52 2.77
CA ASP A 173 3.74 -24.88 2.72
C ASP A 173 3.34 -25.48 1.38
N ALA A 174 2.71 -26.67 1.42
CA ALA A 174 2.17 -27.31 0.20
C ALA A 174 0.84 -26.72 -0.16
N GLY A 175 0.19 -26.08 0.80
CA GLY A 175 -1.08 -25.43 0.56
C GLY A 175 -0.81 -24.32 -0.45
N PHE A 176 -1.84 -23.93 -1.17
CA PHE A 176 -1.77 -22.82 -2.11
C PHE A 176 -1.37 -21.56 -1.38
N ALA A 177 -2.03 -21.30 -0.25
CA ALA A 177 -1.73 -20.09 0.53
C ALA A 177 -0.57 -20.32 1.49
N MSE A 178 0.22 -19.28 1.66
N MSE A 178 0.24 -19.28 1.62
CA MSE A 178 1.31 -19.30 2.63
CA MSE A 178 1.27 -19.23 2.66
C MSE A 178 0.78 -18.98 4.01
C MSE A 178 0.59 -19.08 3.99
O MSE A 178 0.23 -17.88 4.23
O MSE A 178 -0.29 -18.23 4.16
CB MSE A 178 2.36 -18.26 2.26
CB MSE A 178 2.23 -18.04 2.46
CG MSE A 178 3.09 -18.57 0.99
CG MSE A 178 3.09 -18.13 1.21
SE MSE A 178 4.11 -17.04 0.43
SE MSE A 178 4.47 -16.76 1.00
CE MSE A 178 5.00 -16.69 2.17
CE MSE A 178 4.12 -16.41 -0.86
N THR A 179 0.99 -19.90 4.94
CA THR A 179 0.53 -19.76 6.32
C THR A 179 1.76 -19.85 7.22
N SER A 180 2.21 -21.06 7.52
CA SER A 180 3.39 -21.22 8.37
C SER A 180 4.66 -20.64 7.77
N SER A 181 4.73 -20.59 6.46
CA SER A 181 5.84 -19.98 5.78
C SER A 181 5.90 -18.50 6.13
N PHE A 182 4.77 -17.81 6.02
CA PHE A 182 4.75 -16.38 6.32
C PHE A 182 5.18 -16.10 7.75
N THR A 183 4.58 -16.82 8.69
CA THR A 183 4.89 -16.62 10.07
C THR A 183 6.30 -17.01 10.49
N SER A 184 6.78 -18.16 10.05
CA SER A 184 8.15 -18.55 10.34
C SER A 184 9.12 -17.49 9.80
N MSE A 185 8.96 -17.08 8.55
CA MSE A 185 9.91 -16.07 7.99
C MSE A 185 9.81 -14.75 8.76
O MSE A 185 10.84 -14.13 9.02
CB MSE A 185 9.66 -15.82 6.51
CG MSE A 185 9.75 -17.10 5.62
SE MSE A 185 9.77 -16.58 3.70
CE MSE A 185 7.99 -16.24 3.64
N MSE A 186 8.62 -14.36 9.16
CA MSE A 186 8.42 -13.09 9.85
C MSE A 186 9.04 -13.22 11.24
O MSE A 186 9.73 -12.30 11.67
CB MSE A 186 6.93 -12.68 9.89
CG MSE A 186 6.74 -11.34 10.49
SE MSE A 186 4.93 -10.70 10.15
CE MSE A 186 3.88 -12.03 10.87
N LEU A 187 8.86 -14.36 11.92
CA LEU A 187 9.49 -14.56 13.26
C LEU A 187 11.00 -14.51 13.13
N THR A 188 11.56 -15.22 12.17
CA THR A 188 13.02 -15.21 12.00
C THR A 188 13.56 -13.81 11.79
N THR A 189 12.89 -13.02 10.94
CA THR A 189 13.35 -11.66 10.60
C THR A 189 13.32 -10.77 11.84
N LEU A 190 12.26 -10.88 12.62
CA LEU A 190 12.09 -10.08 13.81
C LEU A 190 13.14 -10.47 14.80
N LEU A 191 13.42 -11.77 14.94
CA LEU A 191 14.43 -12.18 15.89
C LEU A 191 15.82 -11.66 15.49
N VAL A 192 16.12 -11.70 14.20
CA VAL A 192 17.38 -11.19 13.67
C VAL A 192 17.57 -9.71 13.96
N PHE A 193 16.57 -8.91 13.65
CA PHE A 193 16.78 -7.46 13.64
C PHE A 193 16.21 -6.73 14.83
N ASP A 194 15.41 -7.38 15.66
CA ASP A 194 14.95 -6.74 16.90
C ASP A 194 16.12 -6.54 17.90
N PRO A 195 16.38 -5.28 18.29
CA PRO A 195 17.56 -5.11 19.15
C PRO A 195 17.37 -5.42 20.64
N THR A 196 16.17 -5.82 21.01
CA THR A 196 15.84 -6.31 22.35
C THR A 196 16.77 -7.45 22.79
N GLU A 197 17.02 -7.56 24.11
CA GLU A 197 17.86 -8.62 24.62
C GLU A 197 17.26 -9.99 24.40
N PHE A 198 18.12 -10.99 24.22
CA PHE A 198 17.67 -12.33 23.96
C PHE A 198 16.73 -12.86 25.03
N ALA A 199 17.03 -12.58 26.30
CA ALA A 199 16.18 -13.08 27.37
C ALA A 199 14.72 -12.58 27.24
N VAL A 200 14.55 -11.32 26.82
CA VAL A 200 13.24 -10.78 26.60
C VAL A 200 12.58 -11.42 25.37
N LYS A 201 13.36 -11.65 24.31
CA LYS A 201 12.82 -12.30 23.12
C LYS A 201 12.31 -13.70 23.46
N SER A 202 13.02 -14.42 24.31
N SER A 202 13.03 -14.41 24.32
CA SER A 202 12.59 -15.77 24.68
CA SER A 202 12.63 -15.76 24.71
C SER A 202 11.29 -15.72 25.47
C SER A 202 11.31 -15.70 25.47
N GLU A 203 11.21 -14.76 26.41
CA GLU A 203 9.99 -14.61 27.17
C GLU A 203 8.79 -14.35 26.24
N ARG A 204 8.97 -13.45 25.27
CA ARG A 204 7.90 -13.11 24.36
C ARG A 204 7.54 -14.29 23.49
N PHE A 205 8.55 -15.02 23.02
CA PHE A 205 8.28 -16.18 22.18
C PHE A 205 7.31 -17.13 22.92
N GLU A 206 7.51 -17.32 24.22
CA GLU A 206 6.66 -18.27 24.94
C GLU A 206 5.20 -17.81 24.96
N VAL A 207 4.98 -16.50 25.10
CA VAL A 207 3.64 -15.93 25.18
C VAL A 207 2.99 -15.94 23.79
N VAL A 208 3.79 -15.63 22.77
CA VAL A 208 3.36 -15.77 21.35
C VAL A 208 2.83 -17.17 21.08
N SER A 209 3.60 -18.16 21.49
N SER A 209 3.57 -18.17 21.52
CA SER A 209 3.25 -19.56 21.25
CA SER A 209 3.16 -19.55 21.28
C SER A 209 1.94 -19.87 21.96
C SER A 209 1.89 -19.88 22.08
N SER A 210 1.88 -19.50 23.23
N SER A 210 1.84 -19.46 23.33
N SER A 210 1.83 -19.40 23.31
CA SER A 210 0.73 -19.75 24.08
CA SER A 210 0.68 -19.74 24.17
CA SER A 210 0.62 -19.89 23.98
C SER A 210 -0.58 -19.12 23.55
C SER A 210 -0.60 -19.11 23.59
C SER A 210 -0.63 -19.13 23.51
N LEU A 211 -0.51 -17.84 23.19
CA LEU A 211 -1.66 -17.11 22.64
C LEU A 211 -2.11 -17.67 21.29
N ALA A 212 -1.15 -18.08 20.46
CA ALA A 212 -1.47 -18.66 19.17
C ALA A 212 -2.18 -20.02 19.35
N ARG A 213 -1.71 -20.83 20.30
CA ARG A 213 -2.41 -22.07 20.65
C ARG A 213 -3.82 -21.81 21.13
N LYS A 214 -4.02 -20.73 21.86
CA LYS A 214 -5.34 -20.41 22.39
C LYS A 214 -6.29 -20.01 21.26
N VAL A 215 -5.75 -19.29 20.29
CA VAL A 215 -6.54 -18.91 19.12
C VAL A 215 -6.95 -20.16 18.38
N LEU A 216 -6.03 -21.09 18.18
CA LEU A 216 -6.35 -22.31 17.47
C LEU A 216 -7.37 -23.14 18.23
N ASP A 217 -7.24 -23.19 19.54
CA ASP A 217 -8.15 -23.97 20.39
C ASP A 217 -9.57 -23.48 20.27
N LYS A 218 -9.69 -22.19 20.03
CA LYS A 218 -10.96 -21.53 19.96
C LYS A 218 -11.43 -21.22 18.51
N ALA A 219 -11.23 -22.14 17.57
CA ALA A 219 -11.65 -21.92 16.19
C ALA A 219 -13.16 -21.74 16.07
N GLU A 220 -13.90 -22.31 17.01
CA GLU A 220 -15.34 -22.22 17.00
C GLU A 220 -15.77 -20.77 17.07
N ASP A 221 -15.00 -19.93 17.76
CA ASP A 221 -15.33 -18.53 17.86
C ASP A 221 -15.24 -17.81 16.53
N VAL A 222 -14.23 -18.15 15.73
CA VAL A 222 -14.10 -17.61 14.38
C VAL A 222 -15.26 -18.11 13.50
N LYS A 223 -15.61 -19.39 13.64
CA LYS A 223 -16.69 -19.98 12.86
C LYS A 223 -17.99 -19.17 13.02
N GLU A 224 -18.24 -18.74 14.25
N GLU A 224 -18.32 -18.75 14.23
CA GLU A 224 -19.47 -18.01 14.59
CA GLU A 224 -19.61 -18.08 14.40
C GLU A 224 -19.59 -16.74 13.76
C GLU A 224 -19.61 -16.68 13.77
N LEU A 225 -18.44 -16.09 13.57
CA LEU A 225 -18.33 -14.87 12.77
C LEU A 225 -18.47 -15.16 11.27
N VAL A 226 -17.80 -16.23 10.83
CA VAL A 226 -17.87 -16.66 9.45
C VAL A 226 -19.31 -17.01 9.03
N ASP A 227 -20.14 -17.46 9.98
CA ASP A 227 -21.53 -17.81 9.67
C ASP A 227 -22.44 -16.64 9.32
N LEU A 228 -21.99 -15.42 9.61
CA LEU A 228 -22.78 -14.21 9.34
C LEU A 228 -22.88 -14.02 7.82
N ASP A 229 -23.89 -13.25 7.39
N ASP A 229 -23.86 -13.23 7.37
CA ASP A 229 -24.08 -13.00 5.96
CA ASP A 229 -24.07 -13.06 5.92
C ASP A 229 -23.12 -11.86 5.56
C ASP A 229 -23.25 -11.87 5.41
N PHE A 230 -22.18 -12.17 4.68
CA PHE A 230 -21.27 -11.15 4.16
C PHE A 230 -20.59 -11.58 2.90
N ASN A 231 -20.26 -10.61 2.07
CA ASN A 231 -19.40 -10.88 0.91
C ASN A 231 -18.29 -9.87 0.68
N ARG A 232 -18.07 -9.01 1.70
CA ARG A 232 -16.96 -8.06 1.72
C ARG A 232 -16.31 -8.11 3.10
N VAL A 233 -14.95 -8.12 3.13
CA VAL A 233 -14.20 -8.13 4.38
C VAL A 233 -13.16 -7.03 4.32
N ILE A 234 -13.15 -6.19 5.35
CA ILE A 234 -12.18 -5.11 5.49
C ILE A 234 -11.33 -5.36 6.71
N TYR A 235 -10.01 -5.44 6.55
CA TYR A 235 -9.08 -5.46 7.70
C TYR A 235 -8.42 -4.07 7.86
N LEU A 236 -8.37 -3.62 9.10
CA LEU A 236 -7.72 -2.36 9.46
C LEU A 236 -6.67 -2.58 10.53
N GLY A 237 -5.56 -1.86 10.40
CA GLY A 237 -4.57 -1.86 11.44
C GLY A 237 -3.57 -0.73 11.22
N ALA A 238 -3.06 -0.20 12.33
CA ALA A 238 -2.06 0.86 12.39
C ALA A 238 -0.68 0.25 12.52
N GLY A 239 0.36 1.00 12.14
CA GLY A 239 1.76 0.54 12.39
C GLY A 239 1.95 -0.81 11.73
N PRO A 240 2.45 -1.80 12.47
CA PRO A 240 2.73 -3.08 11.80
C PRO A 240 1.49 -3.75 11.31
N PHE A 241 0.33 -3.35 11.88
CA PHE A 241 -0.90 -4.03 11.60
C PHE A 241 -1.52 -3.64 10.24
N PHE A 242 -0.94 -2.63 9.60
CA PHE A 242 -1.32 -2.23 8.24
C PHE A 242 -0.82 -3.33 7.30
N GLY A 243 0.48 -3.66 7.32
CA GLY A 243 0.94 -4.80 6.54
C GLY A 243 0.23 -6.11 6.87
N LEU A 244 -0.10 -6.28 8.14
CA LEU A 244 -0.74 -7.49 8.58
C LEU A 244 -2.13 -7.57 8.02
N ALA A 245 -2.82 -6.43 8.02
CA ALA A 245 -4.13 -6.33 7.38
C ALA A 245 -4.08 -6.66 5.88
N HIS A 246 -3.04 -6.20 5.21
CA HIS A 246 -2.81 -6.52 3.80
C HIS A 246 -2.77 -8.03 3.61
N GLU A 247 -2.01 -8.73 4.45
CA GLU A 247 -1.92 -10.19 4.37
C GLU A 247 -3.26 -10.86 4.70
N ALA A 248 -3.87 -10.39 5.77
CA ALA A 248 -5.15 -11.00 6.24
C ALA A 248 -6.22 -10.94 5.17
N GLN A 249 -6.34 -9.80 4.49
CA GLN A 249 -7.31 -9.69 3.42
C GLN A 249 -6.92 -10.51 2.17
N LEU A 250 -5.62 -10.64 1.88
CA LEU A 250 -5.19 -11.44 0.75
C LEU A 250 -5.55 -12.90 0.97
N LYS A 251 -5.42 -13.35 2.20
CA LYS A 251 -5.79 -14.72 2.48
C LYS A 251 -7.23 -15.00 2.09
N ILE A 252 -8.16 -14.09 2.43
N ILE A 252 -8.12 -14.05 2.35
CA ILE A 252 -9.57 -14.27 2.02
CA ILE A 252 -9.53 -14.29 2.08
C ILE A 252 -9.68 -14.29 0.50
C ILE A 252 -9.91 -14.10 0.59
N LEU A 253 -9.14 -13.27 -0.14
CA LEU A 253 -9.18 -13.26 -1.60
C LEU A 253 -8.75 -14.56 -2.23
N GLU A 254 -7.55 -15.03 -1.84
CA GLU A 254 -6.95 -16.22 -2.42
C GLU A 254 -7.88 -17.41 -2.20
N LEU A 255 -8.25 -17.60 -0.94
CA LEU A 255 -9.01 -18.83 -0.59
C LEU A 255 -10.46 -18.86 -0.99
N THR A 256 -11.06 -17.70 -1.29
CA THR A 256 -12.43 -17.69 -1.83
C THR A 256 -12.48 -17.41 -3.33
N ALA A 257 -11.29 -17.35 -3.96
CA ALA A 257 -11.13 -17.08 -5.38
C ALA A 257 -11.87 -15.79 -5.69
N GLY A 258 -11.72 -14.82 -4.78
CA GLY A 258 -12.32 -13.49 -4.95
C GLY A 258 -13.82 -13.39 -4.81
N GLN A 259 -14.46 -14.45 -4.29
CA GLN A 259 -15.92 -14.42 -4.14
C GLN A 259 -16.29 -13.43 -3.00
N VAL A 260 -15.32 -13.15 -2.14
CA VAL A 260 -15.45 -12.13 -1.12
C VAL A 260 -14.46 -11.03 -1.51
N ALA A 261 -14.97 -9.83 -1.74
CA ALA A 261 -14.12 -8.70 -2.08
C ALA A 261 -13.58 -8.11 -0.78
N THR A 262 -12.42 -7.48 -0.87
CA THR A 262 -11.68 -7.11 0.34
C THR A 262 -10.97 -5.74 0.24
N MSE A 263 -10.51 -5.31 1.39
CA MSE A 263 -9.74 -4.06 1.55
C MSE A 263 -8.84 -4.18 2.76
O MSE A 263 -9.16 -4.88 3.73
CB MSE A 263 -10.72 -2.87 1.72
CG MSE A 263 -10.10 -1.62 2.19
SE MSE A 263 -11.38 -0.20 2.40
CE MSE A 263 -11.74 0.28 0.51
N TYR A 264 -7.70 -3.50 2.72
CA TYR A 264 -6.87 -3.25 3.94
C TYR A 264 -6.71 -1.73 4.05
N GLU A 265 -6.70 -1.25 5.28
CA GLU A 265 -6.44 0.16 5.57
C GLU A 265 -5.99 0.31 7.00
N SER A 266 -5.62 1.54 7.37
CA SER A 266 -5.43 1.87 8.79
C SER A 266 -6.74 2.44 9.33
N PRO A 267 -6.97 2.33 10.66
CA PRO A 267 -8.21 2.95 11.21
C PRO A 267 -8.31 4.43 10.85
N VAL A 268 -7.25 5.22 11.06
CA VAL A 268 -7.34 6.65 10.79
C VAL A 268 -7.39 6.91 9.27
N GLY A 269 -6.67 6.13 8.46
CA GLY A 269 -6.81 6.31 7.02
C GLY A 269 -8.15 5.97 6.40
N PHE A 270 -8.84 5.03 7.04
CA PHE A 270 -10.11 4.47 6.56
C PHE A 270 -11.15 5.55 6.29
N ARG A 271 -11.17 6.59 7.13
CA ARG A 271 -12.23 7.56 7.03
C ARG A 271 -12.16 8.37 5.75
N HIS A 272 -10.95 8.55 5.21
CA HIS A 272 -10.75 9.52 4.13
C HIS A 272 -11.08 8.96 2.76
N GLY A 273 -12.23 8.27 2.65
CA GLY A 273 -12.71 7.71 1.39
C GLY A 273 -12.93 6.21 1.38
N PRO A 274 -11.94 5.44 1.81
CA PRO A 274 -12.06 3.98 1.76
C PRO A 274 -13.24 3.40 2.49
N LYS A 275 -13.71 4.11 3.51
CA LYS A 275 -14.89 3.73 4.28
C LYS A 275 -16.11 3.56 3.41
N SER A 276 -16.07 4.17 2.22
CA SER A 276 -17.14 3.99 1.22
C SER A 276 -17.48 2.54 0.84
N LEU A 277 -16.56 1.61 0.97
CA LEU A 277 -16.82 0.23 0.65
C LEU A 277 -17.80 -0.46 1.59
N ILE A 278 -17.93 0.02 2.83
CA ILE A 278 -18.83 -0.60 3.76
C ILE A 278 -20.24 -0.66 3.19
N ASN A 279 -20.84 -1.85 3.31
CA ASN A 279 -22.28 -2.01 3.11
C ASN A 279 -22.82 -3.02 4.13
N ASP A 280 -24.08 -3.40 4.04
CA ASP A 280 -24.65 -4.26 5.03
C ASP A 280 -24.18 -5.70 4.99
N ASN A 281 -23.45 -6.05 3.92
CA ASN A 281 -22.85 -7.35 3.77
C ASN A 281 -21.35 -7.29 3.95
N THR A 282 -20.90 -6.32 4.73
CA THR A 282 -19.48 -6.16 5.00
C THR A 282 -19.11 -6.47 6.48
N VAL A 283 -18.05 -7.25 6.72
CA VAL A 283 -17.48 -7.46 8.07
C VAL A 283 -16.19 -6.65 8.13
N VAL A 284 -16.04 -5.83 9.17
CA VAL A 284 -14.81 -5.04 9.39
C VAL A 284 -14.08 -5.54 10.64
N LEU A 285 -12.80 -5.92 10.48
CA LEU A 285 -11.98 -6.45 11.55
C LEU A 285 -10.83 -5.51 11.73
N VAL A 286 -10.53 -5.19 12.98
CA VAL A 286 -9.46 -4.28 13.33
C VAL A 286 -8.44 -5.03 14.19
N PHE A 287 -7.20 -5.01 13.75
CA PHE A 287 -6.09 -5.47 14.54
C PHE A 287 -5.68 -4.32 15.46
N GLY A 288 -6.08 -4.44 16.71
CA GLY A 288 -5.91 -3.40 17.67
C GLY A 288 -4.52 -3.26 18.22
N THR A 289 -4.09 -2.01 18.26
N THR A 289 -4.07 -2.01 18.23
CA THR A 289 -2.81 -1.61 18.87
CA THR A 289 -2.81 -1.64 18.91
C THR A 289 -2.96 -1.36 20.38
C THR A 289 -3.04 -1.57 20.41
N THR A 290 -1.96 -1.78 21.17
CA THR A 290 -2.07 -1.78 22.63
C THR A 290 -1.27 -0.69 23.32
N THR A 291 -0.50 0.12 22.60
CA THR A 291 0.09 1.29 23.25
C THR A 291 -1.02 2.28 23.58
N ASP A 292 -0.97 2.89 24.75
CA ASP A 292 -1.94 3.81 25.26
C ASP A 292 -2.35 4.84 24.19
N TYR A 293 -1.38 5.49 23.57
CA TYR A 293 -1.68 6.59 22.63
C TYR A 293 -2.37 6.10 21.34
N THR A 294 -1.74 5.19 20.63
CA THR A 294 -2.28 4.72 19.35
C THR A 294 -3.63 4.03 19.53
N ARG A 295 -3.81 3.33 20.66
CA ARG A 295 -5.03 2.64 20.95
C ARG A 295 -6.20 3.60 20.91
N LYS A 296 -6.00 4.82 21.38
CA LYS A 296 -7.11 5.78 21.40
C LYS A 296 -7.69 6.02 19.99
N TYR A 297 -6.85 5.98 18.97
CA TYR A 297 -7.31 6.21 17.60
C TYR A 297 -8.07 5.02 17.07
N ASP A 298 -7.63 3.82 17.42
CA ASP A 298 -8.38 2.61 17.06
C ASP A 298 -9.78 2.74 17.61
N LEU A 299 -9.88 3.07 18.89
CA LEU A 299 -11.16 3.08 19.62
C LEU A 299 -12.15 4.08 19.03
N ASP A 300 -11.65 5.25 18.64
CA ASP A 300 -12.53 6.26 18.03
C ASP A 300 -13.13 5.70 16.76
N LEU A 301 -12.28 5.09 15.96
CA LEU A 301 -12.74 4.57 14.65
C LEU A 301 -13.76 3.47 14.84
N VAL A 302 -13.47 2.51 15.73
CA VAL A 302 -14.36 1.42 15.96
C VAL A 302 -15.72 1.93 16.45
N ARG A 303 -15.73 2.90 17.37
CA ARG A 303 -16.96 3.47 17.89
C ARG A 303 -17.77 4.05 16.74
N GLU A 304 -17.09 4.74 15.83
CA GLU A 304 -17.75 5.36 14.72
C GLU A 304 -18.36 4.37 13.77
N VAL A 305 -17.58 3.40 13.34
CA VAL A 305 -18.09 2.40 12.39
C VAL A 305 -19.25 1.61 13.03
N ALA A 306 -19.08 1.20 14.30
CA ALA A 306 -20.18 0.55 15.04
C ALA A 306 -21.40 1.43 15.11
N GLY A 307 -21.19 2.70 15.41
CA GLY A 307 -22.34 3.58 15.61
C GLY A 307 -23.09 3.88 14.33
N ASP A 308 -22.42 3.75 13.20
CA ASP A 308 -23.06 4.00 11.88
C ASP A 308 -24.09 2.94 11.58
N GLN A 309 -23.92 1.75 12.17
CA GLN A 309 -24.85 0.64 12.06
C GLN A 309 -25.13 0.16 10.66
N ILE A 310 -24.15 0.26 9.79
CA ILE A 310 -24.30 -0.28 8.43
C ILE A 310 -23.64 -1.66 8.31
N ALA A 311 -22.38 -1.78 8.74
CA ALA A 311 -21.64 -3.06 8.55
C ALA A 311 -22.36 -4.21 9.22
N ARG A 312 -22.19 -5.41 8.68
CA ARG A 312 -22.73 -6.63 9.31
C ARG A 312 -22.14 -6.85 10.70
N ARG A 313 -20.84 -6.60 10.84
CA ARG A 313 -20.19 -6.80 12.12
C ARG A 313 -18.91 -5.99 12.12
N VAL A 314 -18.56 -5.46 13.29
CA VAL A 314 -17.30 -4.79 13.57
C VAL A 314 -16.60 -5.61 14.67
N VAL A 315 -15.38 -6.03 14.39
CA VAL A 315 -14.62 -6.95 15.26
C VAL A 315 -13.32 -6.23 15.60
N LEU A 316 -12.94 -6.23 16.87
CA LEU A 316 -11.70 -5.63 17.35
C LEU A 316 -10.89 -6.65 18.11
N LEU A 317 -9.74 -7.04 17.54
CA LEU A 317 -8.78 -7.91 18.26
C LEU A 317 -7.89 -6.98 19.10
N SER A 318 -7.73 -7.33 20.37
CA SER A 318 -6.96 -6.46 21.27
C SER A 318 -6.43 -7.28 22.43
N ASP A 319 -5.95 -6.61 23.45
CA ASP A 319 -5.53 -7.30 24.66
C ASP A 319 -6.59 -7.35 25.75
N GLN A 320 -7.74 -6.72 25.52
CA GLN A 320 -8.80 -6.69 26.48
C GLN A 320 -10.07 -6.24 25.76
N ALA A 321 -11.23 -6.49 26.39
CA ALA A 321 -12.51 -5.95 25.95
C ALA A 321 -12.82 -4.76 26.85
N PHE A 322 -13.13 -3.60 26.28
CA PHE A 322 -13.73 -2.48 27.01
C PHE A 322 -15.24 -2.59 27.21
N GLY A 323 -15.91 -3.45 26.46
CA GLY A 323 -17.36 -3.54 26.53
C GLY A 323 -18.01 -2.55 25.60
N LEU A 324 -17.49 -2.48 24.37
CA LEU A 324 -17.97 -1.54 23.33
C LEU A 324 -19.31 -2.00 22.75
N GLU A 325 -20.24 -1.07 22.62
CA GLU A 325 -21.55 -1.36 21.99
C GLU A 325 -21.38 -1.72 20.52
N ASN A 326 -22.03 -2.78 20.07
CA ASN A 326 -21.99 -3.14 18.64
C ASN A 326 -20.65 -3.50 18.08
N VAL A 327 -19.75 -3.99 18.93
CA VAL A 327 -18.44 -4.46 18.51
C VAL A 327 -18.18 -5.79 19.18
N LYS A 328 -17.73 -6.77 18.40
CA LYS A 328 -17.19 -8.03 18.90
C LYS A 328 -15.73 -7.84 19.27
N GLU A 329 -15.43 -7.90 20.56
CA GLU A 329 -14.07 -7.69 21.04
C GLU A 329 -13.47 -9.02 21.36
N VAL A 330 -12.33 -9.29 20.76
CA VAL A 330 -11.60 -10.55 20.94
C VAL A 330 -10.33 -10.23 21.75
N ALA A 331 -10.30 -10.66 22.99
CA ALA A 331 -9.24 -10.29 23.94
C ALA A 331 -8.17 -11.35 23.96
N LEU A 332 -6.97 -10.97 23.55
CA LEU A 332 -5.82 -11.88 23.51
C LEU A 332 -4.74 -11.20 24.37
N GLY A 333 -4.66 -11.63 25.61
CA GLY A 333 -3.99 -10.82 26.62
C GLY A 333 -2.71 -11.47 27.05
N CYS A 334 -1.63 -10.70 27.04
CA CYS A 334 -0.30 -11.22 27.43
C CYS A 334 0.06 -10.93 28.90
N GLY A 335 -0.78 -10.14 29.58
CA GLY A 335 -0.40 -9.51 30.83
C GLY A 335 0.51 -8.32 30.52
N GLY A 336 0.63 -7.95 29.25
CA GLY A 336 1.55 -6.88 28.86
C GLY A 336 2.98 -7.36 28.57
N VAL A 337 3.20 -8.66 28.48
CA VAL A 337 4.53 -9.18 28.14
C VAL A 337 4.87 -8.80 26.67
N LEU A 338 3.87 -8.88 25.81
CA LEU A 338 4.14 -8.65 24.39
C LEU A 338 4.00 -7.19 24.09
N ASN A 339 4.96 -6.65 23.37
CA ASN A 339 4.76 -5.40 22.68
C ASN A 339 4.06 -5.72 21.39
N ASP A 340 3.59 -4.68 20.70
CA ASP A 340 2.70 -4.88 19.59
C ASP A 340 3.32 -5.69 18.47
N ILE A 341 4.60 -5.51 18.22
CA ILE A 341 5.18 -6.19 17.07
C ILE A 341 5.13 -7.70 17.19
N TYR A 342 5.17 -8.22 18.41
CA TYR A 342 5.08 -9.67 18.61
C TYR A 342 3.64 -10.16 18.60
N ARG A 343 2.69 -9.26 18.76
CA ARG A 343 1.25 -9.65 18.67
C ARG A 343 0.73 -9.97 17.24
N VAL A 344 1.52 -9.65 16.21
CA VAL A 344 1.16 -10.00 14.86
C VAL A 344 0.93 -11.50 14.73
N PHE A 345 1.61 -12.29 15.54
CA PHE A 345 1.54 -13.74 15.38
C PHE A 345 0.17 -14.29 15.75
N PRO A 346 -0.28 -14.09 16.98
CA PRO A 346 -1.66 -14.56 17.31
C PRO A 346 -2.74 -13.92 16.44
N TYR A 347 -2.58 -12.65 16.11
CA TYR A 347 -3.55 -11.93 15.27
C TYR A 347 -3.67 -12.60 13.92
N ILE A 348 -2.58 -12.95 13.27
CA ILE A 348 -2.68 -13.51 11.91
C ILE A 348 -3.23 -14.92 11.93
N VAL A 349 -2.96 -15.68 12.98
CA VAL A 349 -3.60 -17.00 13.11
C VAL A 349 -5.10 -16.86 13.08
N TYR A 350 -5.65 -15.87 13.81
CA TYR A 350 -7.11 -15.64 13.79
C TYR A 350 -7.59 -15.38 12.35
N ALA A 351 -6.85 -14.52 11.64
CA ALA A 351 -7.22 -14.15 10.24
C ALA A 351 -7.07 -15.34 9.30
N GLN A 352 -6.05 -16.18 9.52
CA GLN A 352 -5.93 -17.41 8.72
C GLN A 352 -7.12 -18.33 8.89
N LEU A 353 -7.52 -18.58 10.15
CA LEU A 353 -8.75 -19.31 10.41
C LEU A 353 -9.98 -18.70 9.76
N PHE A 354 -10.11 -17.40 9.81
CA PHE A 354 -11.26 -16.74 9.20
C PHE A 354 -11.30 -17.03 7.71
N ALA A 355 -10.14 -16.97 7.04
CA ALA A 355 -10.07 -17.17 5.59
C ALA A 355 -10.31 -18.63 5.23
N LEU A 356 -9.80 -19.54 6.04
CA LEU A 356 -9.91 -20.94 5.78
C LEU A 356 -11.37 -21.31 5.95
N LEU A 357 -11.96 -20.89 7.05
CA LEU A 357 -13.37 -21.26 7.28
C LEU A 357 -14.33 -20.59 6.26
N THR A 358 -14.01 -19.39 5.79
CA THR A 358 -14.80 -18.71 4.78
C THR A 358 -14.70 -19.45 3.44
N SER A 359 -13.50 -19.92 3.13
CA SER A 359 -13.29 -20.79 1.99
C SER A 359 -14.15 -22.03 2.03
N LEU A 360 -14.22 -22.69 3.18
CA LEU A 360 -15.12 -23.82 3.32
C LEU A 360 -16.57 -23.43 3.18
N LYS A 361 -16.95 -22.29 3.74
CA LYS A 361 -18.31 -21.80 3.63
C LYS A 361 -18.75 -21.67 2.16
N VAL A 362 -17.84 -21.17 1.29
CA VAL A 362 -18.21 -20.91 -0.12
C VAL A 362 -17.96 -22.17 -0.98
N GLU A 363 -17.57 -23.25 -0.30
CA GLU A 363 -17.38 -24.55 -0.95
C GLU A 363 -16.26 -24.50 -1.98
N ASN A 364 -15.23 -23.72 -1.68
N ASN A 364 -15.22 -23.69 -1.72
CA ASN A 364 -13.97 -23.79 -2.39
CA ASN A 364 -13.97 -23.73 -2.51
C ASN A 364 -13.18 -24.91 -1.75
C ASN A 364 -13.12 -24.74 -1.75
N LYS A 365 -12.10 -25.30 -2.39
CA LYS A 365 -11.18 -26.26 -1.80
C LYS A 365 -9.96 -25.44 -1.41
N PRO A 366 -9.86 -25.14 -0.13
CA PRO A 366 -8.83 -24.18 0.31
C PRO A 366 -7.43 -24.56 -0.18
N ASP A 367 -7.14 -25.86 -0.23
CA ASP A 367 -5.82 -26.34 -0.63
C ASP A 367 -5.50 -26.01 -2.07
N THR A 368 -6.54 -25.97 -2.91
CA THR A 368 -6.43 -25.79 -4.37
C THR A 368 -7.57 -24.86 -4.76
N PRO A 369 -7.47 -23.58 -4.39
CA PRO A 369 -8.61 -22.66 -4.43
C PRO A 369 -8.82 -21.86 -5.72
N SER A 370 -8.01 -22.12 -6.75
CA SER A 370 -8.18 -21.44 -8.03
C SER A 370 -8.57 -22.42 -9.12
N PRO A 371 -9.83 -22.82 -9.16
CA PRO A 371 -10.21 -23.83 -10.14
C PRO A 371 -10.04 -23.35 -11.59
N THR A 372 -9.94 -22.05 -11.83
CA THR A 372 -9.66 -21.54 -13.18
C THR A 372 -8.19 -21.72 -13.56
N GLY A 373 -7.34 -21.94 -12.56
CA GLY A 373 -5.92 -22.06 -12.77
C GLY A 373 -5.25 -20.76 -13.14
N THR A 374 -5.91 -19.62 -12.86
CA THR A 374 -5.36 -18.32 -13.27
C THR A 374 -4.54 -17.71 -12.14
N VAL A 375 -4.58 -18.32 -10.96
CA VAL A 375 -3.68 -17.93 -9.87
C VAL A 375 -3.04 -19.23 -9.40
N ASN A 376 -1.77 -19.19 -9.00
CA ASN A 376 -1.03 -20.40 -8.69
C ASN A 376 -0.19 -20.32 -7.42
N ARG A 377 0.01 -21.47 -6.78
CA ARG A 377 0.89 -21.59 -5.60
C ARG A 377 2.26 -21.01 -5.87
N VAL A 378 2.84 -21.43 -6.98
CA VAL A 378 4.08 -20.82 -7.49
C VAL A 378 3.71 -20.07 -8.78
N VAL A 379 4.06 -18.80 -8.81
CA VAL A 379 3.60 -17.95 -9.90
C VAL A 379 4.00 -18.47 -11.28
N GLN A 380 3.07 -18.41 -12.21
N GLN A 380 3.05 -18.40 -12.20
CA GLN A 380 3.31 -18.82 -13.59
CA GLN A 380 3.24 -18.80 -13.59
C GLN A 380 3.27 -17.62 -14.54
C GLN A 380 3.31 -17.58 -14.52
N GLY A 381 3.98 -17.77 -15.65
CA GLY A 381 4.04 -16.76 -16.71
C GLY A 381 4.90 -15.53 -16.51
N VAL A 382 5.74 -15.51 -15.48
CA VAL A 382 6.63 -14.37 -15.27
C VAL A 382 7.83 -14.52 -16.15
N ILE A 383 8.03 -13.54 -17.02
CA ILE A 383 9.21 -13.49 -17.84
C ILE A 383 10.12 -12.39 -17.30
N ILE A 384 11.40 -12.73 -17.21
CA ILE A 384 12.41 -11.80 -16.76
C ILE A 384 13.12 -11.29 -18.00
N HIS A 385 13.16 -9.96 -18.12
CA HIS A 385 13.76 -9.29 -19.25
C HIS A 385 15.09 -8.71 -18.89
N GLU A 386 15.98 -8.63 -19.88
CA GLU A 386 17.33 -8.14 -19.63
C GLU A 386 17.32 -6.65 -19.36
N TYR A 387 18.00 -6.26 -18.29
CA TYR A 387 18.10 -4.87 -17.91
C TYR A 387 19.45 -4.33 -18.39
N GLN A 388 19.50 -3.17 -19.04
CA GLN A 388 20.80 -2.61 -19.43
C GLN A 388 21.27 -1.58 -18.40
N GLY B 1 -19.66 21.02 -23.57
CA GLY B 1 -19.72 20.18 -22.36
C GLY B 1 -19.21 18.76 -22.56
N MSE B 2 -19.46 17.93 -21.54
CA MSE B 2 -19.17 16.48 -21.56
C MSE B 2 -20.28 15.70 -22.18
O MSE B 2 -21.44 15.90 -21.87
CB MSE B 2 -19.02 15.97 -20.12
CG MSE B 2 -18.78 14.47 -19.96
SE MSE B 2 -18.36 14.17 -18.07
CE MSE B 2 -20.18 14.38 -17.27
N LEU B 3 -19.90 14.70 -22.95
CA LEU B 3 -20.77 13.99 -23.86
C LEU B 3 -21.82 14.97 -24.39
N HIS B 4 -23.04 14.49 -24.50
CA HIS B 4 -24.17 15.32 -24.84
C HIS B 4 -24.72 16.21 -23.73
N TYR B 5 -24.19 16.12 -22.51
CA TYR B 5 -24.90 16.72 -21.41
C TYR B 5 -24.87 18.19 -21.49
N THR B 6 -26.01 18.77 -21.16
CA THR B 6 -26.10 20.17 -21.03
C THR B 6 -25.76 20.48 -19.60
N LYS B 7 -25.46 21.74 -19.32
CA LYS B 7 -25.23 22.16 -17.97
C LYS B 7 -26.49 21.85 -17.13
N GLU B 8 -27.67 22.08 -17.70
CA GLU B 8 -28.93 21.80 -16.99
C GLU B 8 -29.03 20.32 -16.59
N ASP B 9 -28.63 19.41 -17.48
CA ASP B 9 -28.66 17.99 -17.17
C ASP B 9 -27.74 17.69 -15.99
N LEU B 10 -26.56 18.31 -16.02
CA LEU B 10 -25.56 18.05 -14.98
C LEU B 10 -26.03 18.58 -13.63
N LEU B 11 -26.68 19.73 -13.60
CA LEU B 11 -27.26 20.23 -12.36
C LEU B 11 -28.33 19.27 -11.81
N GLU B 12 -29.24 18.85 -12.68
CA GLU B 12 -30.30 17.92 -12.26
C GLU B 12 -29.75 16.61 -11.70
N LEU B 13 -28.62 16.16 -12.25
CA LEU B 13 -28.00 14.88 -11.83
C LEU B 13 -27.02 15.00 -10.68
N GLY B 14 -26.82 16.20 -10.16
CA GLY B 14 -25.89 16.41 -9.07
C GLY B 14 -24.42 16.21 -9.43
N ALA B 15 -24.05 16.67 -10.62
CA ALA B 15 -22.71 16.42 -11.16
C ALA B 15 -22.07 17.70 -11.73
N GLU B 16 -22.73 18.85 -11.59
CA GLU B 16 -22.16 20.06 -12.20
C GLU B 16 -20.81 20.46 -11.62
N ILE B 17 -20.67 20.35 -10.30
CA ILE B 17 -19.44 20.83 -9.66
C ILE B 17 -18.27 19.97 -10.02
N THR B 18 -18.45 18.66 -9.87
CA THR B 18 -17.41 17.69 -10.13
C THR B 18 -16.98 17.73 -11.61
N THR B 19 -17.94 17.86 -12.51
CA THR B 19 -17.64 17.91 -13.95
C THR B 19 -16.80 19.17 -14.21
N ARG B 20 -17.27 20.28 -13.69
CA ARG B 20 -16.53 21.53 -13.84
C ARG B 20 -15.09 21.48 -13.33
N GLU B 21 -14.94 20.89 -12.14
CA GLU B 21 -13.64 20.77 -11.52
C GLU B 21 -12.67 19.81 -12.24
N ILE B 22 -13.17 18.73 -12.82
CA ILE B 22 -12.35 17.90 -13.72
C ILE B 22 -11.95 18.67 -14.99
N TYR B 23 -12.90 19.34 -15.62
CA TYR B 23 -12.61 20.01 -16.90
C TYR B 23 -11.72 21.26 -16.76
N GLN B 24 -11.66 21.86 -15.58
CA GLN B 24 -10.88 23.08 -15.38
C GLN B 24 -9.40 22.79 -15.15
N GLN B 25 -9.06 21.50 -15.11
CA GLN B 25 -7.71 21.11 -14.75
C GLN B 25 -6.61 21.73 -15.61
N PRO B 26 -6.67 21.62 -16.94
CA PRO B 26 -5.58 22.31 -17.67
C PRO B 26 -5.39 23.80 -17.37
N ASP B 27 -6.49 24.53 -17.24
CA ASP B 27 -6.43 25.94 -16.86
C ASP B 27 -5.80 26.15 -15.47
N VAL B 28 -6.22 25.35 -14.50
CA VAL B 28 -5.65 25.40 -13.13
C VAL B 28 -4.17 25.09 -13.16
N TRP B 29 -3.77 24.08 -13.95
CA TRP B 29 -2.34 23.74 -14.05
C TRP B 29 -1.50 24.86 -14.63
N ARG B 30 -2.02 25.61 -15.60
CA ARG B 30 -1.25 26.69 -16.17
C ARG B 30 -1.06 27.77 -15.10
N GLU B 31 -2.08 28.05 -14.29
CA GLU B 31 -1.96 29.05 -13.21
C GLU B 31 -0.91 28.57 -12.18
N ALA B 32 -0.95 27.29 -11.89
CA ALA B 32 -0.01 26.70 -10.90
C ALA B 32 1.41 26.81 -11.42
N PHE B 33 1.58 26.54 -12.71
CA PHE B 33 2.87 26.58 -13.36
C PHE B 33 3.43 28.01 -13.32
N GLU B 34 2.57 28.97 -13.64
CA GLU B 34 2.97 30.35 -13.62
C GLU B 34 3.35 30.83 -12.22
N PHE B 35 2.62 30.36 -11.20
CA PHE B 35 2.97 30.66 -9.82
C PHE B 35 4.32 30.04 -9.51
N TYR B 36 4.52 28.78 -9.89
CA TYR B 36 5.84 28.16 -9.73
C TYR B 36 6.96 29.01 -10.35
N GLN B 37 6.76 29.37 -11.62
CA GLN B 37 7.74 30.09 -12.36
C GLN B 37 8.09 31.40 -11.64
N ALA B 38 7.09 32.08 -11.08
CA ALA B 38 7.34 33.35 -10.38
C ALA B 38 8.12 33.12 -9.08
N LYS B 39 7.95 31.95 -8.46
CA LYS B 39 8.53 31.66 -7.16
C LYS B 39 9.80 30.81 -7.24
N ARG B 40 10.21 30.45 -8.44
CA ARG B 40 11.18 29.38 -8.58
C ARG B 40 12.52 29.70 -7.92
N GLU B 41 12.92 30.97 -7.97
CA GLU B 41 14.17 31.40 -7.34
C GLU B 41 14.13 31.31 -5.83
N GLU B 42 13.03 31.74 -5.23
CA GLU B 42 12.83 31.66 -3.81
C GLU B 42 12.77 30.19 -3.35
N ILE B 43 12.06 29.38 -4.11
CA ILE B 43 11.93 27.99 -3.79
C ILE B 43 13.30 27.34 -3.84
N ALA B 44 14.06 27.59 -4.88
CA ALA B 44 15.38 26.97 -4.98
C ALA B 44 16.33 27.47 -3.85
N ALA B 45 16.28 28.75 -3.51
CA ALA B 45 17.04 29.31 -2.38
C ALA B 45 16.66 28.65 -1.04
N PHE B 46 15.36 28.45 -0.82
CA PHE B 46 14.87 27.78 0.38
C PHE B 46 15.50 26.40 0.54
N LEU B 47 15.38 25.58 -0.50
CA LEU B 47 15.94 24.25 -0.46
C LEU B 47 17.48 24.25 -0.40
N GLN B 48 18.12 25.17 -1.10
CA GLN B 48 19.57 25.25 -1.08
C GLN B 48 20.12 25.56 0.33
N GLU B 49 19.42 26.42 1.07
CA GLU B 49 19.88 26.76 2.42
C GLU B 49 19.84 25.50 3.30
N ILE B 50 18.80 24.71 3.12
CA ILE B 50 18.67 23.49 3.91
C ILE B 50 19.81 22.53 3.56
N ALA B 51 20.10 22.40 2.27
CA ALA B 51 21.18 21.54 1.80
C ALA B 51 22.53 22.02 2.30
N ASP B 52 22.70 23.32 2.39
CA ASP B 52 23.96 23.90 2.89
C ASP B 52 24.15 23.66 4.38
N LYS B 53 23.04 23.56 5.11
CA LYS B 53 23.08 23.46 6.56
C LYS B 53 23.23 22.03 7.05
N HIS B 54 22.66 21.06 6.32
CA HIS B 54 22.48 19.69 6.84
C HIS B 54 22.98 18.61 5.91
N ASP B 55 23.60 17.58 6.48
CA ASP B 55 24.24 16.53 5.67
C ASP B 55 23.22 15.51 5.20
N TYR B 56 22.31 15.18 6.09
CA TYR B 56 21.24 14.22 5.76
C TYR B 56 19.96 14.96 6.05
N ILE B 57 19.02 14.90 5.09
CA ILE B 57 17.76 15.62 5.14
C ILE B 57 16.65 14.61 4.85
N LYS B 58 15.73 14.43 5.78
CA LYS B 58 14.54 13.58 5.58
C LYS B 58 13.41 14.43 5.05
N VAL B 59 12.97 14.13 3.84
CA VAL B 59 11.82 14.83 3.27
C VAL B 59 10.63 13.91 3.44
N ILE B 60 9.57 14.43 4.06
CA ILE B 60 8.33 13.66 4.33
C ILE B 60 7.18 14.33 3.57
N LEU B 61 6.68 13.64 2.55
CA LEU B 61 5.50 14.07 1.78
C LEU B 61 4.28 13.50 2.48
N THR B 62 3.44 14.37 3.01
CA THR B 62 2.38 13.95 3.94
C THR B 62 1.00 14.57 3.64
N GLY B 63 0.00 13.70 3.55
CA GLY B 63 -1.40 14.13 3.44
C GLY B 63 -2.29 12.97 3.81
N ALA B 64 -3.60 13.19 3.78
CA ALA B 64 -4.58 12.17 4.10
C ALA B 64 -5.41 11.84 2.83
N GLY B 65 -5.72 10.56 2.66
CA GLY B 65 -6.54 10.12 1.53
C GLY B 65 -5.89 10.46 0.20
N THR B 66 -6.68 11.09 -0.66
CA THR B 66 -6.17 11.48 -1.98
C THR B 66 -4.93 12.37 -1.83
N SER B 67 -4.90 13.21 -0.78
CA SER B 67 -3.69 14.00 -0.53
C SER B 67 -2.43 13.17 -0.19
N ALA B 68 -2.61 11.99 0.40
CA ALA B 68 -1.49 11.08 0.63
C ALA B 68 -0.94 10.53 -0.67
N TYR B 69 -1.81 10.34 -1.65
CA TYR B 69 -1.36 9.73 -2.89
C TYR B 69 -0.56 10.67 -3.78
N VAL B 70 -0.61 11.97 -3.50
CA VAL B 70 0.33 12.91 -4.14
C VAL B 70 1.77 12.42 -3.92
N GLY B 71 2.15 12.22 -2.66
CA GLY B 71 3.47 11.70 -2.30
C GLY B 71 3.68 10.29 -2.78
N ASP B 72 2.69 9.43 -2.65
CA ASP B 72 2.86 8.03 -3.05
C ASP B 72 3.19 7.96 -4.53
N THR B 73 2.52 8.78 -5.31
CA THR B 73 2.65 8.74 -6.77
C THR B 73 4.02 9.27 -7.17
N LEU B 74 4.42 10.41 -6.62
CA LEU B 74 5.70 11.01 -7.01
C LEU B 74 6.95 10.37 -6.40
N LEU B 75 6.76 9.70 -5.27
CA LEU B 75 7.89 9.18 -4.52
C LEU B 75 8.95 8.38 -5.32
N PRO B 76 8.52 7.37 -6.11
CA PRO B 76 9.51 6.57 -6.85
C PRO B 76 10.35 7.39 -7.83
N TYR B 77 9.78 8.45 -8.38
CA TYR B 77 10.59 9.33 -9.23
C TYR B 77 11.67 10.07 -8.43
N PHE B 78 11.28 10.66 -7.30
CA PHE B 78 12.25 11.32 -6.47
C PHE B 78 13.34 10.35 -5.95
N LYS B 79 12.92 9.16 -5.56
CA LYS B 79 13.88 8.11 -5.07
C LYS B 79 14.89 7.75 -6.15
N GLU B 80 14.43 7.70 -7.40
N GLU B 80 14.41 7.75 -7.41
CA GLU B 80 15.36 7.39 -8.48
CA GLU B 80 15.22 7.42 -8.58
C GLU B 80 16.39 8.48 -8.68
C GLU B 80 16.30 8.47 -8.87
N VAL B 81 15.94 9.73 -8.69
CA VAL B 81 16.79 10.84 -9.12
C VAL B 81 17.60 11.49 -8.01
N TYR B 82 17.31 11.18 -6.75
CA TYR B 82 18.03 11.76 -5.65
C TYR B 82 18.91 10.72 -4.98
N ASP B 83 20.01 11.18 -4.41
CA ASP B 83 20.89 10.35 -3.56
C ASP B 83 20.32 10.30 -2.15
N GLU B 84 19.87 9.15 -1.74
CA GLU B 84 19.16 8.99 -0.46
C GLU B 84 20.02 9.31 0.77
N ARG B 85 21.34 9.34 0.56
CA ARG B 85 22.28 9.68 1.64
C ARG B 85 22.25 11.17 1.96
N LYS B 86 21.63 11.97 1.08
CA LYS B 86 21.54 13.43 1.25
C LYS B 86 20.10 13.91 1.38
N TRP B 87 19.31 13.65 0.35
CA TRP B 87 17.89 13.94 0.35
C TRP B 87 17.19 12.57 0.39
N ASN B 88 16.68 12.23 1.56
CA ASN B 88 15.99 10.97 1.77
C ASN B 88 14.46 11.18 1.70
N PHE B 89 13.88 10.78 0.57
CA PHE B 89 12.45 11.07 0.32
C PHE B 89 11.55 9.95 0.86
N ASN B 90 10.44 10.34 1.50
CA ASN B 90 9.48 9.40 2.08
C ASN B 90 8.09 9.96 1.82
N ALA B 91 7.09 9.09 1.65
CA ALA B 91 5.70 9.48 1.57
C ALA B 91 5.06 8.76 2.76
N ILE B 92 4.65 9.55 3.73
CA ILE B 92 4.07 9.04 4.97
C ILE B 92 2.76 9.79 5.25
N ALA B 93 1.63 9.10 5.28
CA ALA B 93 0.35 9.83 5.35
C ALA B 93 0.23 10.54 6.70
N THR B 94 -0.51 11.65 6.73
CA THR B 94 -0.78 12.30 8.01
C THR B 94 -1.54 11.34 8.94
N THR B 95 -2.28 10.42 8.33
CA THR B 95 -3.06 9.47 9.11
C THR B 95 -2.18 8.38 9.76
N ASP B 96 -0.93 8.22 9.25
CA ASP B 96 0.06 7.35 9.84
C ASP B 96 0.82 8.09 10.91
N ILE B 97 1.21 9.33 10.58
CA ILE B 97 1.98 10.16 11.52
C ILE B 97 1.22 10.42 12.82
N VAL B 98 -0.06 10.73 12.74
CA VAL B 98 -0.81 11.05 13.93
C VAL B 98 -0.96 9.87 14.88
N ALA B 99 -1.02 8.66 14.33
CA ALA B 99 -1.17 7.47 15.14
C ALA B 99 0.11 6.95 15.69
N ASN B 100 1.21 7.15 14.96
CA ASN B 100 2.50 6.55 15.34
C ASN B 100 3.61 7.55 15.12
N PRO B 101 3.51 8.68 15.79
CA PRO B 101 4.53 9.72 15.49
C PRO B 101 5.99 9.33 15.66
N ALA B 102 6.24 8.48 16.63
CA ALA B 102 7.59 8.11 17.04
C ALA B 102 8.29 7.26 16.00
N THR B 103 7.48 6.63 15.14
CA THR B 103 8.02 5.82 14.07
C THR B 103 8.78 6.67 13.04
N TYR B 104 8.25 7.88 12.81
CA TYR B 104 8.62 8.76 11.68
C TYR B 104 9.32 10.06 12.04
N LEU B 105 9.00 10.60 13.20
CA LEU B 105 9.49 11.91 13.62
C LEU B 105 10.57 11.67 14.64
N LYS B 106 11.80 11.99 14.26
CA LYS B 106 12.95 11.65 15.05
C LYS B 106 13.71 12.92 15.43
N LYS B 107 14.04 13.02 16.70
CA LYS B 107 14.61 14.28 17.22
C LYS B 107 15.81 14.86 16.44
N ASP B 108 16.79 14.00 16.13
CA ASP B 108 18.08 14.45 15.63
C ASP B 108 18.20 14.45 14.12
N VAL B 109 17.13 14.10 13.40
CA VAL B 109 17.17 14.01 11.93
C VAL B 109 16.59 15.32 11.38
N ALA B 110 17.36 16.06 10.56
CA ALA B 110 16.84 17.27 9.89
C ALA B 110 15.74 16.84 8.95
N THR B 111 14.59 17.52 9.03
CA THR B 111 13.37 17.02 8.38
C THR B 111 12.69 18.15 7.67
N VAL B 112 12.29 17.90 6.43
CA VAL B 112 11.47 18.83 5.65
C VAL B 112 10.10 18.18 5.50
N LEU B 113 9.10 18.77 6.17
CA LEU B 113 7.74 18.21 6.22
C LEU B 113 6.94 18.92 5.17
N VAL B 114 6.52 18.18 4.15
CA VAL B 114 5.79 18.75 2.99
C VAL B 114 4.30 18.35 3.10
N SER B 115 3.49 19.29 3.56
CA SER B 115 2.06 19.03 3.90
C SER B 115 1.18 19.38 2.74
N PHE B 116 0.31 18.43 2.40
CA PHE B 116 -0.69 18.56 1.38
C PHE B 116 -2.12 18.56 1.97
N ALA B 117 -2.97 19.45 1.46
CA ALA B 117 -4.37 19.45 1.84
C ALA B 117 -5.22 20.30 0.90
N ARG B 118 -6.36 19.74 0.46
CA ARG B 118 -7.33 20.48 -0.34
C ARG B 118 -8.06 21.51 0.47
N SER B 119 -8.69 21.07 1.57
CA SER B 119 -9.48 21.95 2.45
C SER B 119 -8.64 22.57 3.55
N GLY B 120 -7.56 21.90 3.95
CA GLY B 120 -6.75 22.39 5.04
C GLY B 120 -7.35 22.09 6.41
N ASN B 121 -8.50 21.40 6.43
CA ASN B 121 -9.30 21.27 7.67
C ASN B 121 -9.41 19.84 8.21
N SER B 122 -8.61 18.92 7.69
CA SER B 122 -8.45 17.63 8.33
C SER B 122 -7.66 17.83 9.64
N PRO B 123 -8.18 17.40 10.80
CA PRO B 123 -7.43 17.55 12.03
C PRO B 123 -6.03 16.96 11.96
N GLU B 124 -5.86 15.91 11.17
CA GLU B 124 -4.60 15.20 11.11
C GLU B 124 -3.52 16.09 10.48
N SER B 125 -3.93 17.09 9.68
CA SER B 125 -2.94 17.95 9.05
C SER B 125 -2.23 18.80 10.12
N LEU B 126 -3.02 19.48 10.94
CA LEU B 126 -2.43 20.29 12.00
C LEU B 126 -1.76 19.42 13.06
N ALA B 127 -2.35 18.26 13.39
CA ALA B 127 -1.74 17.40 14.41
C ALA B 127 -0.35 16.97 13.93
N THR B 128 -0.23 16.67 12.63
CA THR B 128 1.05 16.20 12.09
C THR B 128 2.12 17.32 12.18
N VAL B 129 1.70 18.53 11.84
CA VAL B 129 2.58 19.70 11.98
C VAL B 129 3.00 19.89 13.43
N ASP B 130 2.03 19.81 14.33
CA ASP B 130 2.29 20.06 15.73
C ASP B 130 3.19 18.98 16.33
N LEU B 131 2.97 17.70 15.97
CA LEU B 131 3.83 16.60 16.41
C LEU B 131 5.27 16.82 15.88
N ALA B 132 5.39 17.23 14.62
CA ALA B 132 6.72 17.46 14.04
C ALA B 132 7.47 18.57 14.79
N LYS B 133 6.77 19.65 15.07
CA LYS B 133 7.40 20.74 15.81
C LYS B 133 7.81 20.32 17.22
N SER B 134 7.00 19.46 17.81
N SER B 134 7.05 19.44 17.84
CA SER B 134 7.28 18.94 19.14
CA SER B 134 7.39 19.01 19.21
C SER B 134 8.52 18.06 19.19
C SER B 134 8.45 17.92 19.29
N LEU B 135 8.64 17.17 18.21
CA LEU B 135 9.59 16.04 18.26
C LEU B 135 10.88 16.23 17.47
N VAL B 136 10.88 17.08 16.46
CA VAL B 136 12.05 17.23 15.57
C VAL B 136 12.81 18.51 15.87
N ASP B 137 14.11 18.39 16.15
CA ASP B 137 14.88 19.53 16.62
C ASP B 137 15.05 20.55 15.48
N GLU B 138 15.35 20.06 14.27
CA GLU B 138 15.52 20.94 13.10
C GLU B 138 14.53 20.59 12.03
N LEU B 139 13.50 21.43 11.94
CA LEU B 139 12.30 21.14 11.15
C LEU B 139 12.11 22.28 10.16
N TYR B 140 11.83 21.94 8.92
CA TYR B 140 11.43 22.92 7.90
C TYR B 140 10.14 22.38 7.29
N GLN B 141 9.40 23.28 6.65
CA GLN B 141 8.13 22.94 6.12
C GLN B 141 7.91 23.51 4.71
N VAL B 142 7.21 22.75 3.91
CA VAL B 142 6.70 23.23 2.64
C VAL B 142 5.21 22.91 2.68
N THR B 143 4.36 23.93 2.58
CA THR B 143 2.92 23.77 2.79
C THR B 143 2.23 23.98 1.45
N ILE B 144 1.66 22.92 0.88
CA ILE B 144 1.06 22.94 -0.47
C ILE B 144 -0.43 22.64 -0.32
N THR B 145 -1.21 23.69 -0.45
CA THR B 145 -2.61 23.62 -0.06
C THR B 145 -3.43 24.53 -0.95
N CYS B 146 -4.69 24.18 -1.11
CA CYS B 146 -5.59 24.86 -2.04
C CYS B 146 -6.51 25.84 -1.34
N ALA B 147 -6.67 25.72 -0.02
CA ALA B 147 -7.60 26.60 0.70
C ALA B 147 -6.83 27.63 1.52
N ALA B 148 -6.84 28.86 1.02
CA ALA B 148 -6.17 29.97 1.73
C ALA B 148 -6.75 30.25 3.11
N ASP B 149 -8.01 29.87 3.32
CA ASP B 149 -8.71 30.00 4.63
C ASP B 149 -8.91 28.68 5.36
N GLY B 150 -8.20 27.66 4.92
CA GLY B 150 -8.18 26.40 5.62
C GLY B 150 -7.22 26.54 6.76
N LYS B 151 -7.44 25.74 7.80
CA LYS B 151 -6.56 25.86 8.97
C LYS B 151 -5.07 25.68 8.69
N LEU B 152 -4.73 24.70 7.83
CA LEU B 152 -3.35 24.46 7.46
C LEU B 152 -2.67 25.73 6.89
N ALA B 153 -3.28 26.36 5.89
CA ALA B 153 -2.74 27.58 5.30
C ALA B 153 -2.67 28.69 6.33
N LEU B 154 -3.72 28.86 7.13
CA LEU B 154 -3.79 29.99 8.07
C LEU B 154 -2.62 30.03 9.07
N GLN B 155 -2.13 28.84 9.45
CA GLN B 155 -1.05 28.75 10.42
C GLN B 155 0.35 28.67 9.80
N ALA B 156 0.42 28.89 8.49
CA ALA B 156 1.68 28.75 7.73
C ALA B 156 2.35 30.07 7.28
N HIS B 157 1.97 31.18 7.89
CA HIS B 157 2.56 32.48 7.54
C HIS B 157 3.62 32.97 8.51
N GLY B 158 4.50 33.83 8.02
CA GLY B 158 5.46 34.54 8.86
C GLY B 158 6.56 33.71 9.49
N ASP B 159 6.80 32.54 8.90
CA ASP B 159 7.80 31.60 9.41
C ASP B 159 8.80 31.37 8.30
N ASP B 160 10.03 31.76 8.55
CA ASP B 160 11.09 31.64 7.59
C ASP B 160 11.44 30.21 7.29
N ARG B 161 10.96 29.26 8.10
CA ARG B 161 11.21 27.85 7.82
C ARG B 161 10.00 27.13 7.15
N ASN B 162 8.95 27.88 6.84
CA ASN B 162 7.74 27.32 6.23
C ASN B 162 7.52 28.07 4.91
N LEU B 163 7.73 27.37 3.82
CA LEU B 163 7.45 27.83 2.44
C LEU B 163 6.04 27.46 2.07
N LEU B 164 5.16 28.49 2.04
CA LEU B 164 3.75 28.30 1.72
C LEU B 164 3.60 28.48 0.21
N LEU B 165 3.03 27.45 -0.41
CA LEU B 165 2.80 27.37 -1.86
C LEU B 165 1.31 27.13 -2.13
N LEU B 166 0.53 28.22 -2.12
CA LEU B 166 -0.92 28.12 -2.24
C LEU B 166 -1.24 27.71 -3.68
N GLN B 167 -2.21 26.82 -3.87
CA GLN B 167 -2.61 26.47 -5.22
C GLN B 167 -3.66 27.48 -5.69
N PRO B 168 -4.01 27.42 -6.99
CA PRO B 168 -5.02 28.36 -7.44
C PRO B 168 -6.31 28.20 -6.69
N ALA B 169 -6.99 29.33 -6.44
CA ALA B 169 -8.16 29.34 -5.56
C ALA B 169 -9.26 28.37 -6.00
N VAL B 170 -9.49 28.26 -7.30
CA VAL B 170 -10.57 27.42 -7.83
C VAL B 170 -10.28 25.92 -7.70
N SER B 171 -9.03 25.60 -7.35
CA SER B 171 -8.65 24.18 -7.15
C SER B 171 -9.03 23.67 -5.76
N ASN B 172 -9.57 24.56 -4.92
CA ASN B 172 -10.16 24.18 -3.66
C ASN B 172 -11.50 23.56 -3.95
N ASP B 173 -11.46 22.33 -4.47
CA ASP B 173 -12.63 21.66 -5.07
C ASP B 173 -13.82 21.64 -4.11
N ALA B 174 -14.93 22.19 -4.57
CA ALA B 174 -16.21 22.07 -3.84
C ALA B 174 -16.86 20.68 -3.96
N GLY B 175 -16.48 19.91 -4.98
CA GLY B 175 -16.88 18.53 -5.09
C GLY B 175 -16.46 17.74 -3.86
N PHE B 176 -17.21 16.70 -3.54
CA PHE B 176 -16.80 15.74 -2.51
C PHE B 176 -15.38 15.21 -2.81
N ALA B 177 -15.20 14.76 -4.04
CA ALA B 177 -13.95 14.19 -4.52
C ALA B 177 -12.96 15.26 -4.90
N MSE B 178 -11.70 15.02 -4.54
CA MSE B 178 -10.62 15.85 -5.00
C MSE B 178 -10.31 15.50 -6.43
O MSE B 178 -10.06 14.31 -6.76
CB MSE B 178 -9.36 15.64 -4.12
CG MSE B 178 -9.46 16.22 -2.76
SE MSE B 178 -7.89 15.78 -1.66
CE MSE B 178 -6.71 16.43 -2.73
N THR B 179 -10.30 16.52 -7.27
CA THR B 179 -9.91 16.36 -8.67
C THR B 179 -8.78 17.34 -9.01
N SER B 180 -9.15 18.59 -9.33
CA SER B 180 -8.15 19.61 -9.65
C SER B 180 -7.23 19.92 -8.47
N SER B 181 -7.69 19.69 -7.23
CA SER B 181 -6.80 19.89 -6.07
C SER B 181 -5.67 18.87 -6.11
N PHE B 182 -6.03 17.62 -6.38
CA PHE B 182 -5.02 16.55 -6.42
C PHE B 182 -3.96 16.85 -7.47
N THR B 183 -4.39 17.11 -8.70
CA THR B 183 -3.45 17.30 -9.80
C THR B 183 -2.64 18.60 -9.66
N SER B 184 -3.28 19.67 -9.18
CA SER B 184 -2.55 20.90 -8.96
C SER B 184 -1.47 20.74 -7.89
N MSE B 185 -1.80 20.15 -6.75
CA MSE B 185 -0.78 19.84 -5.75
C MSE B 185 0.35 18.96 -6.28
O MSE B 185 1.52 19.22 -6.04
CB MSE B 185 -1.42 19.28 -4.47
CG MSE B 185 -2.35 20.26 -3.77
SE MSE B 185 -2.94 19.55 -2.04
CE MSE B 185 -3.81 18.12 -2.65
N MSE B 186 0.01 17.92 -7.03
CA MSE B 186 0.99 17.03 -7.55
C MSE B 186 1.88 17.77 -8.55
O MSE B 186 3.08 17.56 -8.55
CB MSE B 186 0.32 15.82 -8.19
CG MSE B 186 1.27 14.77 -8.61
SE MSE B 186 0.35 13.04 -8.85
CE MSE B 186 -0.83 13.57 -10.22
N LEU B 187 1.30 18.63 -9.40
CA LEU B 187 2.10 19.38 -10.38
C LEU B 187 3.08 20.32 -9.67
N THR B 188 2.58 21.08 -8.69
CA THR B 188 3.46 21.95 -7.90
C THR B 188 4.63 21.22 -7.30
N THR B 189 4.33 20.08 -6.69
CA THR B 189 5.34 19.26 -6.00
C THR B 189 6.38 18.76 -7.02
N LEU B 190 5.93 18.24 -8.15
CA LEU B 190 6.88 17.79 -9.16
C LEU B 190 7.77 18.93 -9.64
N LEU B 191 7.18 20.09 -9.90
CA LEU B 191 7.96 21.22 -10.38
C LEU B 191 8.98 21.63 -9.32
N VAL B 192 8.58 21.58 -8.05
CA VAL B 192 9.50 21.99 -6.97
C VAL B 192 10.73 21.10 -6.88
N PHE B 193 10.49 19.79 -6.88
CA PHE B 193 11.55 18.84 -6.55
C PHE B 193 12.17 18.13 -7.75
N ASP B 194 11.57 18.22 -8.93
CA ASP B 194 12.15 17.59 -10.14
C ASP B 194 13.41 18.35 -10.52
N PRO B 195 14.58 17.67 -10.53
CA PRO B 195 15.82 18.41 -10.83
C PRO B 195 16.05 18.80 -12.31
N THR B 196 15.16 18.41 -13.18
CA THR B 196 15.22 18.81 -14.57
C THR B 196 15.26 20.33 -14.78
N GLU B 197 15.96 20.75 -15.83
CA GLU B 197 16.01 22.15 -16.23
C GLU B 197 14.62 22.75 -16.47
N PHE B 198 14.49 24.04 -16.14
CA PHE B 198 13.23 24.74 -16.29
C PHE B 198 12.68 24.67 -17.70
N ALA B 199 13.53 24.89 -18.70
CA ALA B 199 13.06 24.84 -20.08
C ALA B 199 12.40 23.49 -20.44
N VAL B 200 12.93 22.40 -19.88
CA VAL B 200 12.35 21.08 -20.13
C VAL B 200 11.01 20.93 -19.39
N LYS B 201 10.92 21.48 -18.18
CA LYS B 201 9.66 21.47 -17.44
C LYS B 201 8.59 22.22 -18.18
N SER B 202 8.96 23.35 -18.76
N SER B 202 8.97 23.32 -18.80
CA SER B 202 8.03 24.15 -19.52
CA SER B 202 8.03 24.16 -19.51
C SER B 202 7.47 23.33 -20.67
C SER B 202 7.50 23.48 -20.77
N GLU B 203 8.36 22.76 -21.47
CA GLU B 203 7.91 21.98 -22.62
C GLU B 203 7.01 20.85 -22.22
N ARG B 204 7.38 20.15 -21.15
CA ARG B 204 6.59 19.06 -20.70
C ARG B 204 5.24 19.56 -20.23
N PHE B 205 5.20 20.66 -19.50
CA PHE B 205 3.93 21.21 -19.07
C PHE B 205 2.98 21.40 -20.27
N GLU B 206 3.49 22.00 -21.34
CA GLU B 206 2.62 22.25 -22.48
C GLU B 206 2.09 20.93 -23.05
N VAL B 207 2.91 19.89 -23.09
CA VAL B 207 2.40 18.61 -23.62
C VAL B 207 1.41 17.96 -22.63
N VAL B 208 1.69 18.05 -21.34
CA VAL B 208 0.75 17.54 -20.33
C VAL B 208 -0.62 18.18 -20.55
N SER B 209 -0.64 19.49 -20.70
N SER B 209 -0.61 19.49 -20.68
CA SER B 209 -1.90 20.17 -20.87
CA SER B 209 -1.83 20.25 -20.88
C SER B 209 -2.58 19.79 -22.19
C SER B 209 -2.58 19.79 -22.12
N SER B 210 -1.81 19.67 -23.26
N SER B 210 -1.89 19.68 -23.25
CA SER B 210 -2.39 19.22 -24.53
CA SER B 210 -2.52 19.21 -24.49
C SER B 210 -3.04 17.83 -24.46
C SER B 210 -3.10 17.79 -24.42
N LEU B 211 -2.33 16.88 -23.86
CA LEU B 211 -2.81 15.51 -23.70
C LEU B 211 -4.09 15.44 -22.83
N ALA B 212 -4.09 16.20 -21.73
CA ALA B 212 -5.23 16.24 -20.84
C ALA B 212 -6.48 16.76 -21.57
N ARG B 213 -6.31 17.86 -22.31
CA ARG B 213 -7.43 18.40 -23.09
C ARG B 213 -7.96 17.39 -24.11
N LYS B 214 -7.06 16.62 -24.70
CA LYS B 214 -7.47 15.59 -25.64
C LYS B 214 -8.33 14.50 -24.99
N VAL B 215 -7.94 14.10 -23.77
CA VAL B 215 -8.67 13.14 -22.98
C VAL B 215 -10.08 13.68 -22.68
N LEU B 216 -10.16 14.92 -22.16
CA LEU B 216 -11.42 15.55 -21.90
C LEU B 216 -12.29 15.65 -23.16
N ASP B 217 -11.68 15.93 -24.30
CA ASP B 217 -12.41 16.08 -25.56
C ASP B 217 -13.02 14.77 -26.02
N LYS B 218 -12.42 13.65 -25.62
CA LYS B 218 -12.83 12.33 -26.08
C LYS B 218 -13.50 11.51 -24.97
N ALA B 219 -14.33 12.18 -24.16
CA ALA B 219 -15.01 11.52 -23.04
C ALA B 219 -15.80 10.33 -23.55
N GLU B 220 -16.22 10.36 -24.81
CA GLU B 220 -17.00 9.23 -25.30
C GLU B 220 -16.26 7.92 -25.34
N ASP B 221 -14.94 7.97 -25.46
CA ASP B 221 -14.13 6.78 -25.36
C ASP B 221 -14.19 6.15 -23.96
N VAL B 222 -14.35 6.97 -22.93
CA VAL B 222 -14.47 6.47 -21.56
C VAL B 222 -15.90 5.91 -21.38
N LYS B 223 -16.86 6.62 -21.92
CA LYS B 223 -18.26 6.17 -21.83
C LYS B 223 -18.46 4.76 -22.40
N GLU B 224 -17.69 4.42 -23.43
N GLU B 224 -17.69 4.42 -23.43
CA GLU B 224 -17.77 3.10 -24.02
CA GLU B 224 -17.79 3.10 -24.04
C GLU B 224 -17.46 2.04 -22.97
C GLU B 224 -17.36 1.98 -23.07
N LEU B 225 -16.48 2.29 -22.12
CA LEU B 225 -16.16 1.39 -21.02
C LEU B 225 -17.20 1.37 -19.92
N VAL B 226 -17.69 2.57 -19.56
CA VAL B 226 -18.72 2.69 -18.52
C VAL B 226 -19.93 1.89 -18.86
N ASP B 227 -20.29 1.86 -20.16
CA ASP B 227 -21.46 1.13 -20.61
C ASP B 227 -21.38 -0.41 -20.48
N LEU B 228 -20.20 -0.95 -20.26
CA LEU B 228 -20.05 -2.39 -20.02
C LEU B 228 -20.67 -2.86 -18.68
N ASP B 229 -20.95 -4.15 -18.59
CA ASP B 229 -21.51 -4.76 -17.38
C ASP B 229 -20.40 -5.10 -16.41
N PHE B 230 -20.26 -4.30 -15.37
CA PHE B 230 -19.23 -4.51 -14.37
C PHE B 230 -19.64 -3.96 -13.02
N ASN B 231 -19.10 -4.57 -11.97
CA ASN B 231 -19.21 -3.97 -10.64
C ASN B 231 -17.95 -4.11 -9.80
N ARG B 232 -16.82 -4.41 -10.46
CA ARG B 232 -15.47 -4.34 -9.84
C ARG B 232 -14.51 -3.67 -10.81
N VAL B 233 -13.62 -2.86 -10.27
CA VAL B 233 -12.66 -2.19 -11.09
C VAL B 233 -11.34 -2.30 -10.43
N ILE B 234 -10.32 -2.68 -11.20
CA ILE B 234 -8.96 -2.86 -10.72
C ILE B 234 -8.04 -1.97 -11.53
N TYR B 235 -7.31 -1.07 -10.86
CA TYR B 235 -6.30 -0.25 -11.53
C TYR B 235 -4.91 -0.82 -11.21
N LEU B 236 -4.06 -0.93 -12.24
CA LEU B 236 -2.72 -1.46 -12.05
C LEU B 236 -1.69 -0.46 -12.60
N GLY B 237 -0.61 -0.30 -11.89
CA GLY B 237 0.51 0.48 -12.42
C GLY B 237 1.78 0.21 -11.69
N ALA B 238 2.89 0.35 -12.42
CA ALA B 238 4.23 0.25 -11.85
C ALA B 238 4.79 1.63 -11.52
N GLY B 239 5.76 1.68 -10.61
CA GLY B 239 6.44 2.96 -10.40
C GLY B 239 5.48 4.00 -9.88
N PRO B 240 5.47 5.20 -10.50
CA PRO B 240 4.54 6.24 -10.02
C PRO B 240 3.10 5.83 -10.19
N PHE B 241 2.85 4.91 -11.11
CA PHE B 241 1.48 4.56 -11.45
C PHE B 241 0.86 3.66 -10.41
N PHE B 242 1.65 3.20 -9.43
CA PHE B 242 1.07 2.43 -8.34
C PHE B 242 0.21 3.36 -7.43
N GLY B 243 0.82 4.44 -6.94
CA GLY B 243 0.05 5.43 -6.22
C GLY B 243 -1.06 6.02 -7.07
N LEU B 244 -0.82 6.16 -8.39
CA LEU B 244 -1.84 6.75 -9.24
C LEU B 244 -3.04 5.80 -9.33
N ALA B 245 -2.76 4.51 -9.40
CA ALA B 245 -3.81 3.49 -9.32
C ALA B 245 -4.62 3.53 -8.03
N HIS B 246 -3.92 3.76 -6.94
CA HIS B 246 -4.53 3.88 -5.63
C HIS B 246 -5.55 5.04 -5.64
N GLU B 247 -5.14 6.15 -6.24
CA GLU B 247 -6.06 7.30 -6.38
C GLU B 247 -7.19 6.97 -7.35
N ALA B 248 -6.89 6.39 -8.51
CA ALA B 248 -7.90 6.10 -9.54
C ALA B 248 -9.02 5.22 -9.00
N GLN B 249 -8.64 4.19 -8.24
CA GLN B 249 -9.66 3.30 -7.68
C GLN B 249 -10.45 3.93 -6.54
N LEU B 250 -9.81 4.78 -5.75
CA LEU B 250 -10.51 5.50 -4.73
C LEU B 250 -11.58 6.40 -5.30
N LYS B 251 -11.29 7.05 -6.41
CA LYS B 251 -12.30 7.91 -7.08
C LYS B 251 -13.60 7.14 -7.40
N ILE B 252 -13.46 5.88 -7.82
N ILE B 252 -13.49 5.96 -8.01
CA ILE B 252 -14.61 4.99 -8.02
CA ILE B 252 -14.71 5.26 -8.45
C ILE B 252 -15.34 4.69 -6.72
C ILE B 252 -15.35 4.60 -7.23
N LEU B 253 -14.62 4.17 -5.72
N LEU B 253 -14.54 4.34 -6.20
CA LEU B 253 -15.23 3.90 -4.44
CA LEU B 253 -15.09 3.91 -4.91
C LEU B 253 -16.02 5.08 -3.97
C LEU B 253 -15.94 5.00 -4.22
N GLU B 254 -15.37 6.22 -4.01
CA GLU B 254 -16.02 7.38 -3.42
C GLU B 254 -17.28 7.74 -4.20
N LEU B 255 -17.18 7.82 -5.52
CA LEU B 255 -18.26 8.41 -6.28
C LEU B 255 -19.41 7.45 -6.49
N THR B 256 -19.14 6.14 -6.33
CA THR B 256 -20.22 5.15 -6.42
C THR B 256 -20.69 4.68 -5.04
N ALA B 257 -20.23 5.32 -3.97
CA ALA B 257 -20.58 4.89 -2.59
C ALA B 257 -20.31 3.40 -2.39
N GLY B 258 -19.22 2.93 -2.96
CA GLY B 258 -18.78 1.52 -2.85
C GLY B 258 -19.65 0.54 -3.60
N GLN B 259 -20.56 0.99 -4.47
CA GLN B 259 -21.32 0.05 -5.27
C GLN B 259 -20.48 -0.71 -6.28
N VAL B 260 -19.33 -0.12 -6.61
CA VAL B 260 -18.28 -0.77 -7.37
C VAL B 260 -17.12 -1.04 -6.42
N ALA B 261 -16.75 -2.31 -6.24
CA ALA B 261 -15.64 -2.70 -5.40
C ALA B 261 -14.35 -2.61 -6.21
N THR B 262 -13.25 -2.31 -5.54
CA THR B 262 -12.03 -1.92 -6.23
C THR B 262 -10.75 -2.49 -5.67
N MSE B 263 -9.68 -2.29 -6.43
CA MSE B 263 -8.36 -2.71 -6.04
C MSE B 263 -7.34 -1.85 -6.80
O MSE B 263 -7.63 -1.35 -7.90
CB MSE B 263 -8.15 -4.20 -6.37
CG MSE B 263 -6.72 -4.66 -6.44
SE MSE B 263 -6.53 -6.56 -6.88
CE MSE B 263 -7.16 -7.35 -5.13
N TYR B 264 -6.17 -1.66 -6.17
CA TYR B 264 -4.95 -1.18 -6.84
C TYR B 264 -3.80 -2.14 -6.63
N GLU B 265 -2.97 -2.26 -7.66
CA GLU B 265 -1.82 -3.14 -7.60
C GLU B 265 -0.82 -2.70 -8.69
N SER B 266 0.39 -3.29 -8.69
CA SER B 266 1.22 -3.23 -9.86
C SER B 266 0.97 -4.42 -10.80
N PRO B 267 1.30 -4.29 -12.07
CA PRO B 267 1.09 -5.46 -12.93
C PRO B 267 1.85 -6.70 -12.44
N VAL B 268 3.12 -6.53 -12.08
CA VAL B 268 3.95 -7.71 -11.66
C VAL B 268 3.43 -8.22 -10.27
N GLY B 269 3.06 -7.30 -9.40
CA GLY B 269 2.53 -7.68 -8.08
C GLY B 269 1.21 -8.38 -8.18
N PHE B 270 0.46 -8.02 -9.19
CA PHE B 270 -0.91 -8.54 -9.35
C PHE B 270 -0.99 -10.07 -9.39
N ARG B 271 0.01 -10.75 -9.97
CA ARG B 271 -0.12 -12.18 -10.17
C ARG B 271 -0.13 -12.94 -8.85
N HIS B 272 0.52 -12.36 -7.83
CA HIS B 272 0.84 -13.10 -6.59
C HIS B 272 -0.26 -13.13 -5.55
N GLY B 273 -1.47 -13.42 -6.04
CA GLY B 273 -2.66 -13.53 -5.21
C GLY B 273 -3.77 -12.55 -5.54
N PRO B 274 -3.43 -11.25 -5.65
CA PRO B 274 -4.47 -10.23 -5.91
C PRO B 274 -5.38 -10.46 -7.15
N LYS B 275 -4.82 -11.11 -8.18
CA LYS B 275 -5.52 -11.46 -9.40
C LYS B 275 -6.76 -12.29 -9.15
N SER B 276 -6.81 -12.92 -7.96
CA SER B 276 -8.00 -13.65 -7.52
C SER B 276 -9.30 -12.85 -7.53
N LEU B 277 -9.20 -11.53 -7.48
CA LEU B 277 -10.38 -10.66 -7.43
C LEU B 277 -11.10 -10.61 -8.79
N ILE B 278 -10.39 -10.89 -9.88
CA ILE B 278 -11.03 -10.86 -11.19
C ILE B 278 -12.20 -11.81 -11.27
N ASN B 279 -13.28 -11.28 -11.83
CA ASN B 279 -14.41 -12.11 -12.23
C ASN B 279 -15.04 -11.55 -13.50
N ASP B 280 -16.13 -12.14 -13.96
N ASP B 280 -16.13 -12.15 -13.95
CA ASP B 280 -16.74 -11.77 -15.26
CA ASP B 280 -16.73 -11.80 -15.24
C ASP B 280 -17.16 -10.32 -15.30
C ASP B 280 -17.28 -10.37 -15.30
N ASN B 281 -17.43 -9.75 -14.13
CA ASN B 281 -17.92 -8.38 -13.97
C ASN B 281 -16.88 -7.38 -13.52
N THR B 282 -15.64 -7.68 -13.86
CA THR B 282 -14.49 -6.85 -13.50
C THR B 282 -13.86 -6.19 -14.73
N VAL B 283 -13.57 -4.89 -14.63
CA VAL B 283 -12.78 -4.19 -15.63
C VAL B 283 -11.37 -3.96 -14.98
N VAL B 284 -10.32 -4.27 -15.74
CA VAL B 284 -8.94 -4.07 -15.31
C VAL B 284 -8.31 -3.00 -16.17
N LEU B 285 -7.86 -1.91 -15.56
CA LEU B 285 -7.21 -0.84 -16.32
C LEU B 285 -5.78 -0.72 -15.86
N VAL B 286 -4.88 -0.65 -16.84
CA VAL B 286 -3.44 -0.50 -16.63
C VAL B 286 -2.95 0.84 -17.08
N PHE B 287 -2.30 1.52 -16.14
CA PHE B 287 -1.54 2.72 -16.45
C PHE B 287 -0.15 2.28 -16.96
N GLY B 288 0.08 2.35 -18.29
CA GLY B 288 1.26 1.79 -18.88
C GLY B 288 2.49 2.66 -18.76
N THR B 289 3.63 2.02 -18.44
N THR B 289 3.62 2.01 -18.47
CA THR B 289 4.93 2.69 -18.39
CA THR B 289 4.89 2.70 -18.47
C THR B 289 5.52 2.67 -19.82
C THR B 289 5.39 2.75 -19.90
N THR B 290 6.25 3.71 -20.19
CA THR B 290 6.74 3.86 -21.55
C THR B 290 8.25 3.68 -21.69
N THR B 291 8.99 3.43 -20.62
CA THR B 291 10.37 3.00 -20.78
C THR B 291 10.41 1.58 -21.40
N ASP B 292 11.39 1.30 -22.26
CA ASP B 292 11.40 0.06 -23.04
C ASP B 292 11.38 -1.13 -22.06
N TYR B 293 12.14 -1.03 -20.98
CA TYR B 293 12.33 -2.15 -20.03
C TYR B 293 11.06 -2.46 -19.27
N THR B 294 10.54 -1.44 -18.60
CA THR B 294 9.38 -1.67 -17.72
C THR B 294 8.14 -2.01 -18.57
N ARG B 295 8.02 -1.41 -19.76
CA ARG B 295 6.88 -1.66 -20.62
C ARG B 295 6.74 -3.17 -20.89
N LYS B 296 7.85 -3.88 -21.00
CA LYS B 296 7.79 -5.31 -21.29
C LYS B 296 7.03 -6.08 -20.24
N TYR B 297 7.18 -5.69 -18.98
CA TYR B 297 6.50 -6.37 -17.86
C TYR B 297 5.00 -6.06 -17.90
N ASP B 298 4.64 -4.83 -18.25
CA ASP B 298 3.24 -4.43 -18.38
C ASP B 298 2.60 -5.30 -19.45
N LEU B 299 3.31 -5.40 -20.56
CA LEU B 299 2.76 -6.12 -21.71
C LEU B 299 2.53 -7.63 -21.45
N ASP B 300 3.42 -8.27 -20.71
CA ASP B 300 3.28 -9.67 -20.43
C ASP B 300 2.01 -9.85 -19.61
N LEU B 301 1.85 -8.97 -18.63
CA LEU B 301 0.69 -9.05 -17.72
C LEU B 301 -0.64 -8.83 -18.43
N VAL B 302 -0.70 -7.80 -19.27
CA VAL B 302 -1.90 -7.50 -20.07
C VAL B 302 -2.25 -8.68 -20.98
N ARG B 303 -1.24 -9.26 -21.62
CA ARG B 303 -1.40 -10.46 -22.44
C ARG B 303 -2.04 -11.64 -21.67
N GLU B 304 -1.53 -11.83 -20.46
CA GLU B 304 -2.00 -12.91 -19.60
C GLU B 304 -3.47 -12.71 -19.21
N VAL B 305 -3.79 -11.54 -18.67
CA VAL B 305 -5.15 -11.28 -18.20
C VAL B 305 -6.15 -11.30 -19.37
N ALA B 306 -5.74 -10.76 -20.52
CA ALA B 306 -6.61 -10.81 -21.72
C ALA B 306 -6.82 -12.23 -22.18
N GLY B 307 -5.72 -12.97 -22.16
CA GLY B 307 -5.70 -14.35 -22.53
C GLY B 307 -6.56 -15.26 -21.65
N ASP B 308 -6.67 -14.92 -20.38
CA ASP B 308 -7.49 -15.66 -19.43
C ASP B 308 -8.99 -15.60 -19.78
N GLN B 309 -9.38 -14.52 -20.46
CA GLN B 309 -10.73 -14.31 -20.92
C GLN B 309 -11.75 -14.38 -19.79
N ILE B 310 -11.42 -13.91 -18.60
CA ILE B 310 -12.42 -13.85 -17.50
C ILE B 310 -12.94 -12.44 -17.36
N ALA B 311 -12.07 -11.44 -17.23
CA ALA B 311 -12.49 -10.05 -17.05
C ALA B 311 -13.39 -9.53 -18.15
N ARG B 312 -14.29 -8.62 -17.78
CA ARG B 312 -15.16 -8.03 -18.74
C ARG B 312 -14.34 -7.26 -19.77
N ARG B 313 -13.35 -6.54 -19.31
CA ARG B 313 -12.50 -5.74 -20.19
C ARG B 313 -11.13 -5.50 -19.51
N VAL B 314 -10.10 -5.56 -20.35
CA VAL B 314 -8.74 -5.18 -20.02
C VAL B 314 -8.42 -3.95 -20.87
N VAL B 315 -7.94 -2.89 -20.21
CA VAL B 315 -7.67 -1.60 -20.83
C VAL B 315 -6.22 -1.23 -20.51
N LEU B 316 -5.51 -0.76 -21.51
CA LEU B 316 -4.13 -0.36 -21.32
C LEU B 316 -4.00 1.06 -21.83
N LEU B 317 -3.66 1.98 -20.93
CA LEU B 317 -3.32 3.36 -21.28
C LEU B 317 -1.82 3.41 -21.54
N SER B 318 -1.39 3.94 -22.67
CA SER B 318 0.03 3.95 -23.01
C SER B 318 0.29 5.09 -23.98
N ASP B 319 1.45 5.05 -24.66
CA ASP B 319 1.83 6.03 -25.69
C ASP B 319 1.50 5.55 -27.11
N GLN B 320 1.05 4.30 -27.23
CA GLN B 320 0.80 3.64 -28.50
C GLN B 320 -0.09 2.45 -28.31
N ALA B 321 -0.70 2.00 -29.40
CA ALA B 321 -1.43 0.73 -29.40
C ALA B 321 -0.62 -0.27 -30.20
N PHE B 322 -0.39 -1.46 -29.68
CA PHE B 322 0.24 -2.51 -30.45
C PHE B 322 -0.72 -3.37 -31.27
N GLY B 323 -2.01 -3.25 -30.99
CA GLY B 323 -3.03 -4.10 -31.62
C GLY B 323 -3.11 -5.44 -30.87
N LEU B 324 -3.20 -5.34 -29.56
CA LEU B 324 -3.35 -6.52 -28.70
C LEU B 324 -4.77 -7.09 -28.72
N GLU B 325 -4.88 -8.42 -28.88
CA GLU B 325 -6.16 -9.15 -28.82
C GLU B 325 -6.81 -8.98 -27.46
N ASN B 326 -8.11 -8.69 -27.45
CA ASN B 326 -8.86 -8.60 -26.18
C ASN B 326 -8.36 -7.57 -25.18
N VAL B 327 -7.72 -6.50 -25.68
CA VAL B 327 -7.30 -5.38 -24.86
C VAL B 327 -7.74 -4.10 -25.52
N LYS B 328 -8.28 -3.15 -24.75
CA LYS B 328 -8.58 -1.83 -25.26
C LYS B 328 -7.38 -0.98 -25.00
N GLU B 329 -6.67 -0.58 -26.06
CA GLU B 329 -5.48 0.24 -25.85
C GLU B 329 -5.86 1.69 -26.08
N VAL B 330 -5.42 2.53 -25.16
CA VAL B 330 -5.72 3.97 -25.23
C VAL B 330 -4.36 4.66 -25.40
N ALA B 331 -4.12 5.16 -26.61
CA ALA B 331 -2.83 5.74 -26.97
C ALA B 331 -2.82 7.25 -26.72
N LEU B 332 -1.97 7.69 -25.80
CA LEU B 332 -1.83 9.10 -25.43
C LEU B 332 -0.36 9.43 -25.62
N GLY B 333 -0.04 10.06 -26.73
CA GLY B 333 1.33 10.05 -27.22
C GLY B 333 1.90 11.43 -27.27
N CYS B 334 3.08 11.58 -26.70
CA CYS B 334 3.79 12.86 -26.57
C CYS B 334 4.82 13.12 -27.71
N GLY B 335 4.99 12.17 -28.61
CA GLY B 335 6.19 12.12 -29.45
C GLY B 335 7.42 11.80 -28.62
N GLY B 336 7.22 11.22 -27.43
CA GLY B 336 8.30 11.03 -26.48
C GLY B 336 8.70 12.26 -25.68
N VAL B 337 7.95 13.36 -25.74
CA VAL B 337 8.34 14.56 -24.96
C VAL B 337 8.26 14.26 -23.46
N LEU B 338 7.23 13.55 -23.05
CA LEU B 338 7.05 13.27 -21.64
C LEU B 338 7.77 12.03 -21.17
N ASN B 339 8.46 12.14 -20.06
CA ASN B 339 8.81 10.96 -19.30
C ASN B 339 7.60 10.51 -18.51
N ASP B 340 7.70 9.31 -17.92
CA ASP B 340 6.60 8.70 -17.26
C ASP B 340 6.02 9.56 -16.14
N ILE B 341 6.84 10.21 -15.34
CA ILE B 341 6.31 10.92 -14.20
C ILE B 341 5.34 12.02 -14.61
N TYR B 342 5.52 12.65 -15.77
CA TYR B 342 4.58 13.67 -16.25
C TYR B 342 3.33 13.07 -16.90
N ARG B 343 3.37 11.77 -17.23
CA ARG B 343 2.19 11.13 -17.82
C ARG B 343 1.08 10.84 -16.81
N VAL B 344 1.39 10.98 -15.51
CA VAL B 344 0.35 10.81 -14.50
C VAL B 344 -0.85 11.75 -14.74
N PHE B 345 -0.59 12.92 -15.31
CA PHE B 345 -1.64 13.93 -15.44
C PHE B 345 -2.76 13.51 -16.42
N PRO B 346 -2.44 13.27 -17.71
CA PRO B 346 -3.52 12.79 -18.60
C PRO B 346 -4.09 11.46 -18.14
N TYR B 347 -3.28 10.59 -17.55
CA TYR B 347 -3.78 9.26 -17.14
C TYR B 347 -4.86 9.42 -16.05
N ILE B 348 -4.63 10.30 -15.05
CA ILE B 348 -5.62 10.42 -13.99
C ILE B 348 -6.86 11.15 -14.47
N VAL B 349 -6.71 12.02 -15.46
CA VAL B 349 -7.88 12.65 -16.03
C VAL B 349 -8.83 11.58 -16.63
N TYR B 350 -8.30 10.60 -17.34
CA TYR B 350 -9.09 9.50 -17.85
C TYR B 350 -9.84 8.76 -16.71
N ALA B 351 -9.11 8.43 -15.64
CA ALA B 351 -9.63 7.79 -14.45
C ALA B 351 -10.74 8.57 -13.76
N GLN B 352 -10.57 9.89 -13.69
CA GLN B 352 -11.56 10.74 -13.07
C GLN B 352 -12.85 10.72 -13.89
N LEU B 353 -12.75 10.90 -15.22
CA LEU B 353 -13.91 10.76 -16.06
C LEU B 353 -14.57 9.37 -15.89
N PHE B 354 -13.79 8.31 -15.80
CA PHE B 354 -14.42 6.97 -15.60
C PHE B 354 -15.25 6.88 -14.31
N ALA B 355 -14.70 7.40 -13.22
CA ALA B 355 -15.35 7.44 -11.92
C ALA B 355 -16.60 8.31 -11.98
N LEU B 356 -16.49 9.50 -12.60
CA LEU B 356 -17.63 10.42 -12.71
C LEU B 356 -18.80 9.79 -13.48
N LEU B 357 -18.49 9.22 -14.64
CA LEU B 357 -19.52 8.64 -15.49
C LEU B 357 -20.10 7.36 -14.88
N THR B 358 -19.28 6.63 -14.15
CA THR B 358 -19.78 5.42 -13.47
C THR B 358 -20.73 5.83 -12.34
N SER B 359 -20.40 6.91 -11.65
CA SER B 359 -21.30 7.49 -10.64
C SER B 359 -22.65 7.83 -11.24
N LEU B 360 -22.62 8.43 -12.41
CA LEU B 360 -23.83 8.76 -13.08
C LEU B 360 -24.60 7.51 -13.48
N LYS B 361 -23.90 6.48 -13.94
CA LYS B 361 -24.54 5.22 -14.33
C LYS B 361 -25.37 4.61 -13.21
N VAL B 362 -24.81 4.60 -12.00
CA VAL B 362 -25.46 4.01 -10.80
C VAL B 362 -26.44 5.01 -10.13
N GLU B 363 -26.64 6.17 -10.73
CA GLU B 363 -27.60 7.15 -10.24
C GLU B 363 -27.22 7.74 -8.90
N ASN B 364 -25.93 7.82 -8.66
CA ASN B 364 -25.43 8.52 -7.50
C ASN B 364 -25.25 9.98 -8.00
N LYS B 365 -25.17 10.89 -7.07
CA LYS B 365 -24.98 12.28 -7.35
C LYS B 365 -23.50 12.50 -7.08
N PRO B 366 -22.69 12.55 -8.13
CA PRO B 366 -21.24 12.66 -7.90
C PRO B 366 -20.80 13.75 -6.94
N ASP B 367 -21.46 14.91 -6.98
CA ASP B 367 -21.03 16.03 -6.14
C ASP B 367 -21.26 15.76 -4.65
N THR B 368 -22.26 14.94 -4.33
CA THR B 368 -22.64 14.62 -2.95
C THR B 368 -22.96 13.11 -2.93
N PRO B 369 -21.91 12.28 -3.04
CA PRO B 369 -22.01 10.86 -3.31
C PRO B 369 -22.21 9.93 -2.07
N SER B 370 -22.32 10.49 -0.87
CA SER B 370 -22.49 9.66 0.31
C SER B 370 -23.80 10.02 0.97
N PRO B 371 -24.90 9.48 0.45
CA PRO B 371 -26.21 9.82 1.00
C PRO B 371 -26.39 9.28 2.43
N THR B 372 -25.55 8.34 2.88
CA THR B 372 -25.64 7.88 4.25
C THR B 372 -24.99 8.90 5.19
N GLY B 373 -24.19 9.81 4.61
CA GLY B 373 -23.38 10.74 5.40
C GLY B 373 -22.23 10.15 6.19
N THR B 374 -21.86 8.90 5.90
CA THR B 374 -20.82 8.23 6.68
C THR B 374 -19.42 8.51 6.13
N VAL B 375 -19.36 9.09 4.93
CA VAL B 375 -18.11 9.60 4.38
C VAL B 375 -18.37 11.05 4.00
N ASN B 376 -17.37 11.92 4.11
CA ASN B 376 -17.62 13.35 3.99
C ASN B 376 -16.48 14.06 3.24
N ARG B 377 -16.81 15.16 2.57
CA ARG B 377 -15.84 15.98 1.86
C ARG B 377 -14.70 16.39 2.77
N VAL B 378 -15.03 16.88 3.95
CA VAL B 378 -14.03 17.20 4.97
C VAL B 378 -14.29 16.19 6.10
N VAL B 379 -13.26 15.46 6.46
CA VAL B 379 -13.41 14.33 7.37
C VAL B 379 -14.10 14.76 8.68
N GLN B 380 -15.03 13.92 9.14
N GLN B 380 -15.01 13.91 9.15
CA GLN B 380 -15.71 14.12 10.42
CA GLN B 380 -15.71 14.11 10.42
C GLN B 380 -15.37 13.05 11.46
C GLN B 380 -15.28 13.08 11.46
N GLY B 381 -15.43 13.45 12.72
CA GLY B 381 -15.16 12.54 13.84
C GLY B 381 -13.72 12.28 14.20
N VAL B 382 -12.77 12.96 13.58
CA VAL B 382 -11.40 12.76 13.98
C VAL B 382 -11.07 13.52 15.28
N ILE B 383 -10.63 12.78 16.29
CA ILE B 383 -10.21 13.34 17.56
C ILE B 383 -8.69 13.24 17.64
N ILE B 384 -8.04 14.36 17.99
CA ILE B 384 -6.59 14.37 18.20
C ILE B 384 -6.32 14.20 19.69
N HIS B 385 -5.54 13.18 20.03
CA HIS B 385 -5.20 12.94 21.39
C HIS B 385 -3.80 13.47 21.67
N GLU B 386 -3.55 13.87 22.92
CA GLU B 386 -2.26 14.44 23.29
C GLU B 386 -1.20 13.39 23.32
N TYR B 387 -0.06 13.67 22.74
CA TYR B 387 1.05 12.76 22.73
C TYR B 387 2.04 13.19 23.78
N GLN B 388 2.58 12.29 24.57
CA GLN B 388 3.68 12.72 25.47
C GLN B 388 5.03 12.07 25.13
CL CL C . -21.11 -12.61 15.95
P PO4 D . 7.37 -17.13 -3.03
O1 PO4 D . 7.42 -16.65 -1.63
O2 PO4 D . 6.00 -17.30 -3.58
O3 PO4 D . 8.06 -18.50 -3.19
O4 PO4 D . 8.13 -16.14 -3.87
C1 EDO E . -22.07 3.17 3.05
O1 EDO E . -22.66 2.11 2.29
C2 EDO E . -20.69 3.56 2.54
O2 EDO E . -20.70 3.97 1.14
C1 EDO F . -19.85 -15.30 0.95
O1 EDO F . -21.20 -15.79 1.06
C2 EDO F . -19.05 -15.74 2.19
O2 EDO F . -19.59 -15.16 3.41
C1 EDO G . -22.88 -2.86 14.04
O1 EDO G . -23.45 -1.65 14.47
C2 EDO G . -22.08 -2.64 12.78
O2 EDO G . -22.84 -1.76 11.91
C1 EDO H . 18.40 -9.30 -14.61
O1 EDO H . 17.60 -9.95 -13.63
C2 EDO H . 17.50 -8.78 -15.73
O2 EDO H . 16.29 -8.21 -15.16
C1 EDO I . 17.48 -24.78 9.09
O1 EDO I . 18.48 -25.78 9.29
C2 EDO I . 16.25 -25.43 8.45
O2 EDO I . 15.66 -26.38 9.33
C1 EDO J . 28.23 -2.98 -9.74
O1 EDO J . 28.94 -1.88 -9.25
C2 EDO J . 28.96 -4.17 -9.25
O2 EDO J . 29.53 -4.77 -10.39
P PO4 K . -7.71 17.29 2.90
O1 PO4 K . -8.10 18.78 3.05
O2 PO4 K . -8.94 16.38 2.80
O3 PO4 K . -6.93 16.90 4.14
O4 PO4 K . -6.83 17.17 1.70
C1 EDO L . -22.33 -0.92 -11.48
O1 EDO L . -23.44 -1.45 -12.25
C2 EDO L . -21.54 -0.04 -12.44
O2 EDO L . -21.36 -0.72 -13.69
C1 EDO M . -10.07 -15.34 -10.16
O1 EDO M . -10.35 -15.96 -8.88
C2 EDO M . -10.96 -15.92 -11.25
O2 EDO M . -12.36 -15.67 -11.00
C1 EDO N . 7.52 -4.07 -26.72
O1 EDO N . 8.64 -4.52 -25.96
C2 EDO N . 7.78 -4.28 -28.21
O2 EDO N . 8.63 -3.23 -28.67
C1 EDO O . 12.91 18.71 19.73
O1 EDO O . 13.41 18.51 21.06
C2 EDO O . 12.60 20.18 19.54
O2 EDO O . 11.22 20.41 19.81
C1 EDO P . 10.26 31.09 3.70
O1 EDO P . 9.09 31.76 4.23
C2 EDO P . 10.11 30.93 2.20
O2 EDO P . 11.09 31.68 1.48
C1 EDO Q . 10.04 5.95 -10.90
O1 EDO Q . 10.89 6.60 -11.84
C2 EDO Q . 9.71 4.51 -11.30
O2 EDO Q . 9.95 3.56 -10.18
C1 EDO R . 5.85 0.79 14.91
O1 EDO R . 6.25 0.20 16.16
C2 EDO R . 4.47 1.47 14.86
O2 EDO R . 4.42 2.45 13.74
C1 EDO S . -13.55 12.90 0.11
O1 EDO S . -12.69 13.88 0.70
C2 EDO S . -13.69 11.72 1.06
O2 EDO S . -12.62 10.85 0.73
#